data_4KCV
#
_entry.id   4KCV
#
_cell.length_a   103.250
_cell.length_b   108.010
_cell.length_c   265.820
_cell.angle_alpha   90.00
_cell.angle_beta   90.00
_cell.angle_gamma   90.00
#
_symmetry.space_group_name_H-M   'I 2 2 2'
#
loop_
_entity.id
_entity.type
_entity.pdbx_description
1 polymer 'Pyruvate kinase 1'
2 non-polymer 'MAGNESIUM ION'
3 non-polymer 'POTASSIUM ION'
4 non-polymer '2-OXOGLUTARIC ACID'
5 non-polymer 2,6-di-O-phosphono-beta-D-fructofuranose
6 non-polymer GLYCEROL
7 water water
#
_entity_poly.entity_id   1
_entity_poly.type   'polypeptide(L)'
_entity_poly.pdbx_seq_one_letter_code
;MSQLEHNIGLSIFEPVAKHRANRIVCTIGPSTQSVEALKNLMKSGMSVARMNFSHGSHEYHQTTINNVRAAAAELGLHIG
IALDTKGPEIRTGLFKDGEVSFAPGDIVCVTTDPAYEKVGTKEKFYIDYPQLTNAVRPGGSIYVDDGVMTLRVVSKEDDR
TLKCHVNNHHRLTDRRGINLPGCEVDLPAVSEKDRKDLEFGVAQGVDMIFASFIRTAEQVREVRAALGEKGKDILIISKI
ENHQGVQNIDSIIEASNGIMVARGDLGVEIPAEKVCVAQMCIISKCNVVGKPVICATQMLESMTSNPRPTRAEVSDVANA
VLNGADCVMLSGETAKGKYPNEVVQYMARICVEAQSATHDTVMFNSIKNLQKIPMCPEEAVCSSAVASAFEVQAKAMLVL
SNTGRSARLISKYRPNCPIICVTTRLQTCRQLNVTRSVVSVFYDAAKSGEDKDKEKRVKLGLDFAKKEKYASTGDVVVVV
HADHSVKGYPNQTRLIYLP
;
_entity_poly.pdbx_strand_id   B,A
#
# COMPACT_ATOMS: atom_id res chain seq x y z
N SER A 2 -14.10 -5.87 16.07
CA SER A 2 -12.77 -5.28 15.88
C SER A 2 -12.29 -5.53 14.45
N GLN A 3 -11.38 -4.71 13.98
CA GLN A 3 -10.76 -4.98 12.70
C GLN A 3 -10.18 -6.42 12.65
N LEU A 4 -9.49 -6.79 13.72
CA LEU A 4 -8.84 -8.12 13.78
C LEU A 4 -9.88 -9.23 13.59
N GLU A 5 -10.92 -9.21 14.38
CA GLU A 5 -11.97 -10.19 14.26
C GLU A 5 -12.61 -10.15 12.86
N HIS A 6 -12.81 -8.96 12.31
CA HIS A 6 -13.38 -8.86 10.96
C HIS A 6 -12.48 -9.51 9.94
N ASN A 7 -11.17 -9.29 10.08
CA ASN A 7 -10.18 -9.89 9.14
C ASN A 7 -10.20 -11.39 9.14
N ILE A 8 -10.26 -11.99 10.31
CA ILE A 8 -10.10 -13.43 10.39
C ILE A 8 -11.34 -14.14 9.81
N GLY A 9 -12.47 -13.42 9.72
CA GLY A 9 -13.70 -14.00 9.18
C GLY A 9 -13.92 -13.72 7.69
N LEU A 10 -12.97 -13.03 7.05
CA LEU A 10 -13.09 -12.74 5.62
C LEU A 10 -13.22 -14.01 4.81
N SER A 11 -14.08 -13.99 3.81
CA SER A 11 -14.24 -15.12 2.89
C SER A 11 -13.73 -14.74 1.53
N ILE A 12 -12.53 -15.20 1.22
CA ILE A 12 -11.74 -14.71 0.08
C ILE A 12 -12.42 -15.00 -1.26
N PHE A 13 -13.16 -16.11 -1.33
CA PHE A 13 -13.65 -16.63 -2.60
C PHE A 13 -15.18 -16.54 -2.78
N GLU A 14 -15.86 -15.84 -1.89
CA GLU A 14 -17.30 -15.58 -2.08
C GLU A 14 -17.51 -14.49 -3.12
N PRO A 15 -18.76 -14.34 -3.60
CA PRO A 15 -19.02 -13.33 -4.63
C PRO A 15 -18.76 -11.91 -4.09
N VAL A 16 -18.17 -11.04 -4.90
CA VAL A 16 -17.92 -9.67 -4.50
C VAL A 16 -19.17 -8.81 -4.73
N ALA A 17 -19.15 -7.59 -4.18
CA ALA A 17 -20.19 -6.60 -4.43
C ALA A 17 -20.44 -6.44 -5.95
N LYS A 18 -21.71 -6.34 -6.33
CA LYS A 18 -22.08 -6.11 -7.73
C LYS A 18 -21.89 -4.66 -8.19
N HIS A 19 -21.95 -3.71 -7.27
CA HIS A 19 -21.86 -2.31 -7.71
C HIS A 19 -20.73 -1.59 -7.06
N ARG A 20 -19.78 -1.16 -7.88
CA ARG A 20 -18.59 -0.49 -7.37
C ARG A 20 -18.98 0.86 -6.74
N ALA A 21 -18.58 1.09 -5.51
CA ALA A 21 -18.88 2.35 -4.80
C ALA A 21 -17.85 3.43 -5.09
N ASN A 22 -16.57 3.06 -5.15
CA ASN A 22 -15.53 4.06 -5.37
C ASN A 22 -15.42 4.48 -6.84
N ARG A 23 -14.71 5.57 -7.06
CA ARG A 23 -14.76 6.29 -8.31
C ARG A 23 -13.34 6.48 -8.80
N ILE A 24 -13.18 6.47 -10.11
CA ILE A 24 -11.88 6.47 -10.74
C ILE A 24 -11.71 7.71 -11.62
N VAL A 25 -10.67 8.50 -11.29
CA VAL A 25 -10.25 9.63 -12.08
C VAL A 25 -9.09 9.20 -13.00
N CYS A 26 -9.24 9.43 -14.31
CA CYS A 26 -8.17 9.16 -15.28
C CYS A 26 -7.67 10.43 -15.97
N THR A 27 -6.34 10.58 -15.97
CA THR A 27 -5.66 11.62 -16.73
C THR A 27 -5.63 11.25 -18.23
N ILE A 28 -6.05 12.20 -19.06
CA ILE A 28 -6.12 11.99 -20.48
C ILE A 28 -4.83 12.43 -21.17
N GLY A 29 -4.42 11.70 -22.18
CA GLY A 29 -3.15 11.97 -22.87
C GLY A 29 -3.15 11.27 -24.21
N PRO A 30 -1.96 11.13 -24.83
CA PRO A 30 -1.95 10.62 -26.22
C PRO A 30 -2.43 9.19 -26.31
N SER A 31 -2.30 8.45 -25.21
CA SER A 31 -2.85 7.09 -25.17
C SER A 31 -4.39 7.09 -25.21
N THR A 32 -5.02 8.18 -24.73
CA THR A 32 -6.45 8.09 -24.37
C THR A 32 -7.35 9.23 -24.92
N GLN A 33 -6.79 10.11 -25.74
CA GLN A 33 -7.52 11.32 -26.17
C GLN A 33 -8.59 11.10 -27.26
N SER A 34 -8.44 10.06 -28.08
CA SER A 34 -9.36 9.88 -29.20
C SER A 34 -10.72 9.53 -28.62
N VAL A 35 -11.80 9.89 -29.34
CA VAL A 35 -13.15 9.52 -28.92
C VAL A 35 -13.28 8.00 -28.66
N GLU A 36 -12.61 7.20 -29.47
CA GLU A 36 -12.71 5.76 -29.31
C GLU A 36 -12.01 5.30 -28.01
N ALA A 37 -10.82 5.83 -27.76
CA ALA A 37 -10.11 5.52 -26.54
C ALA A 37 -10.92 5.94 -25.31
N LEU A 38 -11.55 7.11 -25.38
CA LEU A 38 -12.27 7.62 -24.24
C LEU A 38 -13.50 6.77 -23.92
N LYS A 39 -14.19 6.31 -24.96
CA LYS A 39 -15.35 5.42 -24.76
C LYS A 39 -14.93 4.15 -24.04
N ASN A 40 -13.83 3.56 -24.48
CA ASN A 40 -13.29 2.41 -23.84
C ASN A 40 -12.88 2.65 -22.38
N LEU A 41 -12.25 3.81 -22.13
CA LEU A 41 -11.90 4.23 -20.79
C LEU A 41 -13.16 4.31 -19.94
N MET A 42 -14.21 4.91 -20.50
CA MET A 42 -15.47 5.02 -19.79
C MET A 42 -16.08 3.65 -19.51
N LYS A 43 -16.13 2.79 -20.54
CA LYS A 43 -16.62 1.43 -20.30
C LYS A 43 -15.76 0.72 -19.28
N SER A 44 -14.46 1.01 -19.24
CA SER A 44 -13.58 0.32 -18.29
C SER A 44 -13.77 0.83 -16.84
N GLY A 45 -14.31 2.05 -16.70
CA GLY A 45 -14.71 2.55 -15.39
C GLY A 45 -14.26 3.96 -15.03
N MET A 46 -13.81 4.75 -16.00
CA MET A 46 -13.49 6.15 -15.72
C MET A 46 -14.78 6.93 -15.42
N SER A 47 -14.79 7.66 -14.33
CA SER A 47 -15.90 8.57 -14.00
C SER A 47 -15.53 10.04 -14.20
N VAL A 48 -14.24 10.36 -14.03
CA VAL A 48 -13.75 11.75 -14.23
C VAL A 48 -12.54 11.78 -15.13
N ALA A 49 -12.57 12.65 -16.13
CA ALA A 49 -11.41 12.88 -16.98
C ALA A 49 -10.57 14.06 -16.47
N ARG A 50 -9.30 13.78 -16.18
CA ARG A 50 -8.39 14.81 -15.69
C ARG A 50 -7.51 15.33 -16.83
N MET A 51 -7.52 16.66 -17.01
CA MET A 51 -6.63 17.36 -17.91
C MET A 51 -5.53 18.00 -17.10
N ASN A 52 -4.30 17.55 -17.36
CA ASN A 52 -3.15 18.10 -16.68
C ASN A 52 -2.61 19.31 -17.41
N PHE A 53 -2.93 20.50 -16.92
CA PHE A 53 -2.50 21.74 -17.60
C PHE A 53 -1.03 22.13 -17.33
N SER A 54 -0.30 21.26 -16.65
CA SER A 54 1.16 21.40 -16.63
C SER A 54 1.76 21.22 -18.01
N HIS A 55 1.07 20.49 -18.88
CA HIS A 55 1.57 20.27 -20.24
C HIS A 55 0.44 20.44 -21.21
N GLY A 56 0.79 20.71 -22.46
CA GLY A 56 -0.19 20.81 -23.53
C GLY A 56 -0.81 22.19 -23.64
N SER A 57 -1.20 22.53 -24.86
CA SER A 57 -1.79 23.85 -25.10
C SER A 57 -3.31 23.83 -24.86
N HIS A 58 -3.92 25.00 -24.85
CA HIS A 58 -5.35 25.10 -24.75
C HIS A 58 -6.01 24.32 -25.85
N GLU A 59 -5.47 24.40 -27.04
CA GLU A 59 -6.04 23.70 -28.16
C GLU A 59 -6.00 22.17 -27.92
N TYR A 60 -4.90 21.68 -27.37
CA TYR A 60 -4.81 20.28 -26.96
C TYR A 60 -5.94 19.89 -26.00
N HIS A 61 -6.15 20.71 -24.98
CA HIS A 61 -7.15 20.37 -24.00
C HIS A 61 -8.53 20.57 -24.50
N GLN A 62 -8.71 21.48 -25.47
CA GLN A 62 -10.01 21.66 -26.09
C GLN A 62 -10.44 20.33 -26.76
N THR A 63 -9.50 19.68 -27.44
CA THR A 63 -9.78 18.40 -28.07
C THR A 63 -10.22 17.38 -27.02
N THR A 64 -9.58 17.39 -25.86
CA THR A 64 -9.93 16.46 -24.79
C THR A 64 -11.36 16.73 -24.33
N ILE A 65 -11.65 17.99 -24.03
CA ILE A 65 -12.99 18.39 -23.68
C ILE A 65 -14.03 17.92 -24.72
N ASN A 66 -13.80 18.25 -25.99
CA ASN A 66 -14.77 17.90 -27.01
C ASN A 66 -14.95 16.38 -27.09
N ASN A 67 -13.82 15.67 -27.10
CA ASN A 67 -13.85 14.23 -27.25
C ASN A 67 -14.48 13.52 -26.05
N VAL A 68 -14.25 14.05 -24.84
CA VAL A 68 -14.89 13.49 -23.65
C VAL A 68 -16.41 13.62 -23.78
N ARG A 69 -16.88 14.83 -24.10
CA ARG A 69 -18.30 15.06 -24.29
C ARG A 69 -18.92 14.20 -25.39
N ALA A 70 -18.22 14.05 -26.51
CA ALA A 70 -18.68 13.20 -27.62
C ALA A 70 -18.76 11.72 -27.22
N ALA A 71 -17.73 11.25 -26.54
CA ALA A 71 -17.70 9.86 -26.07
C ALA A 71 -18.79 9.60 -25.02
N ALA A 72 -18.90 10.50 -24.05
CA ALA A 72 -19.94 10.37 -23.03
C ALA A 72 -21.36 10.34 -23.65
N ALA A 73 -21.63 11.26 -24.58
CA ALA A 73 -22.96 11.34 -25.21
C ALA A 73 -23.30 10.06 -25.94
N GLU A 74 -22.33 9.51 -26.67
CA GLU A 74 -22.52 8.23 -27.35
C GLU A 74 -22.95 7.13 -26.40
N LEU A 75 -22.38 7.12 -25.19
CA LEU A 75 -22.67 6.05 -24.23
C LEU A 75 -23.79 6.39 -23.25
N GLY A 76 -24.36 7.58 -23.35
CA GLY A 76 -25.39 8.02 -22.40
C GLY A 76 -24.85 8.26 -21.00
N LEU A 77 -23.59 8.67 -20.89
CA LEU A 77 -22.98 8.87 -19.58
C LEU A 77 -22.83 10.38 -19.27
N HIS A 78 -22.66 10.70 -17.99
CA HIS A 78 -22.32 12.06 -17.57
C HIS A 78 -20.97 12.04 -16.92
N ILE A 79 -19.95 12.52 -17.62
CA ILE A 79 -18.57 12.35 -17.17
C ILE A 79 -18.00 13.67 -16.69
N GLY A 80 -17.48 13.68 -15.46
CA GLY A 80 -16.87 14.87 -14.94
C GLY A 80 -15.65 15.25 -15.73
N ILE A 81 -15.41 16.55 -15.85
CA ILE A 81 -14.19 17.05 -16.46
C ILE A 81 -13.44 17.94 -15.49
N ALA A 82 -12.18 17.56 -15.21
CA ALA A 82 -11.36 18.22 -14.20
C ALA A 82 -10.16 18.92 -14.85
N LEU A 83 -9.91 20.16 -14.45
CA LEU A 83 -8.76 20.92 -14.90
C LEU A 83 -7.74 21.03 -13.77
N ASP A 84 -6.55 20.45 -13.97
CA ASP A 84 -5.55 20.35 -12.94
C ASP A 84 -4.46 21.36 -13.26
N THR A 85 -4.39 22.44 -12.48
CA THR A 85 -3.56 23.60 -12.81
C THR A 85 -2.06 23.27 -12.70
N LYS A 86 -1.26 23.95 -13.52
CA LYS A 86 0.18 23.91 -13.39
C LYS A 86 0.59 24.43 -12.01
N GLY A 87 0.04 25.57 -11.62
CA GLY A 87 0.29 26.09 -10.30
C GLY A 87 1.58 26.89 -10.29
N PRO A 88 1.85 27.61 -9.19
CA PRO A 88 3.07 28.40 -9.11
C PRO A 88 4.26 27.47 -8.89
N GLU A 89 5.46 27.90 -9.24
CA GLU A 89 6.64 27.07 -8.99
C GLU A 89 7.93 27.84 -8.66
N ILE A 90 8.81 27.20 -7.90
CA ILE A 90 10.20 27.65 -7.77
C ILE A 90 11.10 26.83 -8.70
N ARG A 91 11.89 27.52 -9.49
CA ARG A 91 12.84 26.84 -10.36
C ARG A 91 14.22 27.49 -10.25
N THR A 92 15.25 26.75 -10.61
CA THR A 92 16.59 27.30 -10.79
C THR A 92 16.56 28.22 -12.00
N GLY A 93 17.61 29.00 -12.19
CA GLY A 93 17.88 29.63 -13.49
C GLY A 93 18.43 28.69 -14.56
N LEU A 94 19.04 29.28 -15.58
CA LEU A 94 19.71 28.51 -16.62
C LEU A 94 21.17 28.26 -16.23
N PHE A 95 21.82 27.37 -16.99
CA PHE A 95 23.23 27.10 -16.81
C PHE A 95 24.02 27.40 -18.09
N LYS A 96 25.27 27.84 -17.94
CA LYS A 96 26.19 27.86 -19.07
C LYS A 96 26.27 26.48 -19.68
N ASP A 97 26.29 26.42 -21.01
CA ASP A 97 26.27 25.16 -21.74
C ASP A 97 25.03 24.34 -21.43
N GLY A 98 24.17 24.88 -20.58
CA GLY A 98 22.87 24.28 -20.37
C GLY A 98 22.89 23.04 -19.49
N GLU A 99 24.03 22.76 -18.86
CA GLU A 99 24.11 21.67 -17.88
C GLU A 99 25.34 21.85 -17.03
N VAL A 100 25.26 21.46 -15.77
CA VAL A 100 26.46 21.29 -14.93
C VAL A 100 26.31 20.03 -14.10
N SER A 101 27.43 19.42 -13.76
CA SER A 101 27.40 18.20 -12.95
C SER A 101 27.99 18.48 -11.59
N PHE A 102 27.35 17.96 -10.55
CA PHE A 102 27.84 18.12 -9.19
C PHE A 102 28.24 16.77 -8.58
N ALA A 103 29.23 16.81 -7.70
CA ALA A 103 29.64 15.63 -6.96
C ALA A 103 29.41 15.88 -5.49
N PRO A 104 29.20 14.80 -4.70
CA PRO A 104 28.99 15.00 -3.26
C PRO A 104 30.16 15.75 -2.66
N GLY A 105 29.86 16.72 -1.81
CA GLY A 105 30.90 17.54 -1.18
C GLY A 105 31.23 18.83 -1.92
N ASP A 106 30.81 18.95 -3.17
CA ASP A 106 30.90 20.23 -3.91
C ASP A 106 30.22 21.35 -3.13
N ILE A 107 30.86 22.51 -3.12
CA ILE A 107 30.34 23.65 -2.41
C ILE A 107 29.83 24.62 -3.47
N VAL A 108 28.55 24.99 -3.40
CA VAL A 108 27.93 25.83 -4.44
C VAL A 108 27.13 26.93 -3.78
N CYS A 109 27.19 28.14 -4.32
CA CYS A 109 26.31 29.21 -3.86
C CYS A 109 25.00 29.22 -4.64
N VAL A 110 23.89 29.43 -3.96
CA VAL A 110 22.65 29.72 -4.63
C VAL A 110 22.20 31.12 -4.33
N THR A 111 21.76 31.83 -5.36
CA THR A 111 21.44 33.24 -5.23
C THR A 111 20.05 33.57 -5.73
N THR A 112 19.40 34.51 -5.09
CA THR A 112 18.16 35.03 -5.59
C THR A 112 18.38 36.34 -6.35
N ASP A 113 19.62 36.66 -6.64
CA ASP A 113 19.92 37.85 -7.47
C ASP A 113 19.68 37.50 -8.95
N PRO A 114 18.64 38.07 -9.57
CA PRO A 114 18.27 37.68 -10.93
C PRO A 114 19.38 37.91 -11.94
N ALA A 115 20.39 38.69 -11.58
CA ALA A 115 21.54 38.88 -12.46
C ALA A 115 22.14 37.53 -12.93
N TYR A 116 22.00 36.52 -12.09
CA TYR A 116 22.67 35.24 -12.35
C TYR A 116 21.72 34.25 -13.06
N GLU A 117 20.53 34.74 -13.39
CA GLU A 117 19.47 33.87 -13.89
C GLU A 117 19.88 32.94 -15.07
N LYS A 118 20.78 33.43 -15.93
CA LYS A 118 21.04 32.78 -17.20
C LYS A 118 22.47 32.29 -17.32
N VAL A 119 23.24 32.40 -16.24
CA VAL A 119 24.66 32.03 -16.27
C VAL A 119 25.05 31.18 -15.07
N GLY A 120 24.15 30.28 -14.67
CA GLY A 120 24.46 29.31 -13.62
C GLY A 120 25.71 28.52 -13.93
N THR A 121 26.55 28.33 -12.92
CA THR A 121 27.73 27.45 -13.02
C THR A 121 27.71 26.47 -11.83
N LYS A 122 28.72 25.59 -11.80
CA LYS A 122 29.05 24.76 -10.63
C LYS A 122 29.26 25.58 -9.36
N GLU A 123 29.70 26.83 -9.52
CA GLU A 123 30.06 27.67 -8.37
C GLU A 123 28.86 28.42 -7.83
N LYS A 124 27.96 28.83 -8.72
CA LYS A 124 26.85 29.67 -8.32
C LYS A 124 25.73 29.64 -9.34
N PHE A 125 24.50 29.54 -8.87
CA PHE A 125 23.37 29.58 -9.78
C PHE A 125 22.15 30.14 -9.08
N TYR A 126 21.19 30.53 -9.90
CA TYR A 126 20.05 31.31 -9.46
C TYR A 126 18.86 30.41 -9.08
N ILE A 127 18.09 30.83 -8.08
CA ILE A 127 16.78 30.25 -7.75
C ILE A 127 15.79 31.40 -7.63
N ASP A 128 14.65 31.29 -8.32
CA ASP A 128 13.78 32.46 -8.56
C ASP A 128 12.78 32.69 -7.44
N TYR A 129 13.22 32.58 -6.19
CA TYR A 129 12.35 32.77 -5.03
C TYR A 129 12.94 33.81 -4.10
N PRO A 130 12.43 35.07 -4.17
CA PRO A 130 13.17 36.17 -3.57
C PRO A 130 13.37 36.01 -2.07
N GLN A 131 12.53 35.22 -1.42
CA GLN A 131 12.56 35.10 0.04
C GLN A 131 13.49 33.98 0.52
N LEU A 132 14.25 33.38 -0.41
CA LEU A 132 15.08 32.20 -0.11
C LEU A 132 15.86 32.30 1.20
N THR A 133 16.60 33.39 1.39
CA THR A 133 17.54 33.51 2.52
C THR A 133 16.81 33.71 3.83
N ASN A 134 15.53 34.02 3.77
CA ASN A 134 14.71 34.02 4.98
C ASN A 134 14.11 32.65 5.25
N ALA A 135 13.80 31.92 4.19
CA ALA A 135 13.04 30.67 4.32
C ALA A 135 13.89 29.51 4.85
N VAL A 136 15.12 29.37 4.36
CA VAL A 136 15.98 28.29 4.86
C VAL A 136 17.27 28.76 5.52
N ARG A 137 17.45 28.36 6.78
CA ARG A 137 18.63 28.69 7.58
C ARG A 137 19.74 27.67 7.38
N PRO A 138 20.96 28.01 7.85
CA PRO A 138 22.09 27.07 7.91
C PRO A 138 21.67 25.74 8.51
N GLY A 139 21.99 24.63 7.83
CA GLY A 139 21.57 23.31 8.28
C GLY A 139 20.28 22.83 7.64
N GLY A 140 19.45 23.77 7.16
CA GLY A 140 18.30 23.43 6.34
C GLY A 140 18.68 22.84 4.99
N SER A 141 17.70 22.25 4.31
CA SER A 141 17.92 21.58 3.01
C SER A 141 17.23 22.33 1.87
N ILE A 142 17.84 22.28 0.69
CA ILE A 142 17.18 22.68 -0.55
C ILE A 142 17.14 21.47 -1.46
N TYR A 143 15.97 21.17 -2.02
CA TYR A 143 15.84 20.03 -2.94
C TYR A 143 15.79 20.54 -4.35
N VAL A 144 16.44 19.81 -5.25
CA VAL A 144 16.52 20.21 -6.64
C VAL A 144 16.11 19.03 -7.53
N ASP A 145 15.26 19.32 -8.51
CA ASP A 145 14.92 18.36 -9.55
C ASP A 145 14.12 17.20 -8.97
N ASP A 146 12.92 17.49 -8.48
CA ASP A 146 12.08 16.50 -7.79
C ASP A 146 12.81 15.76 -6.70
N GLY A 147 13.67 16.47 -5.97
CA GLY A 147 14.26 15.93 -4.75
C GLY A 147 15.40 14.99 -5.03
N VAL A 148 15.84 14.93 -6.28
CA VAL A 148 16.89 14.00 -6.65
C VAL A 148 18.26 14.47 -6.21
N MET A 149 18.46 15.79 -6.14
CA MET A 149 19.67 16.32 -5.56
C MET A 149 19.34 17.09 -4.30
N THR A 150 20.13 16.89 -3.27
CA THR A 150 19.94 17.59 -2.03
C THR A 150 21.12 18.51 -1.72
N LEU A 151 20.79 19.73 -1.34
CA LEU A 151 21.80 20.69 -0.85
C LEU A 151 21.56 20.94 0.61
N ARG A 152 22.63 20.90 1.43
CA ARG A 152 22.56 21.43 2.79
C ARG A 152 23.09 22.86 2.79
N VAL A 153 22.33 23.78 3.39
CA VAL A 153 22.78 25.16 3.55
C VAL A 153 23.87 25.24 4.64
N VAL A 154 25.08 25.61 4.23
CA VAL A 154 26.18 25.80 5.17
C VAL A 154 26.05 27.16 5.85
N SER A 155 25.87 28.22 5.07
CA SER A 155 25.85 29.55 5.64
C SER A 155 25.18 30.58 4.72
N LYS A 156 24.73 31.68 5.30
CA LYS A 156 24.28 32.84 4.53
C LYS A 156 25.43 33.78 4.23
N GLU A 157 25.71 34.01 2.94
CA GLU A 157 26.85 34.86 2.55
C GLU A 157 26.48 36.34 2.48
N ASP A 158 25.27 36.63 2.02
CA ASP A 158 24.75 37.98 2.04
C ASP A 158 23.23 37.83 1.96
N ASP A 159 22.50 38.94 1.88
CA ASP A 159 21.05 38.83 2.04
C ASP A 159 20.41 38.15 0.83
N ARG A 160 21.21 37.84 -0.19
CA ARG A 160 20.68 37.19 -1.38
C ARG A 160 21.33 35.85 -1.79
N THR A 161 22.18 35.29 -0.93
CA THR A 161 23.09 34.22 -1.32
C THR A 161 23.34 33.24 -0.19
N LEU A 162 23.13 31.95 -0.47
CA LEU A 162 23.49 30.90 0.48
C LEU A 162 24.62 30.05 -0.07
N LYS A 163 25.61 29.78 0.77
CA LYS A 163 26.63 28.78 0.47
C LYS A 163 26.08 27.41 0.84
N CYS A 164 26.17 26.47 -0.09
CA CYS A 164 25.54 25.16 0.11
C CYS A 164 26.53 24.02 -0.10
N HIS A 165 26.22 22.88 0.53
CA HIS A 165 26.99 21.67 0.35
C HIS A 165 26.18 20.68 -0.47
N VAL A 166 26.71 20.27 -1.61
CA VAL A 166 26.06 19.23 -2.41
C VAL A 166 26.14 17.83 -1.78
N ASN A 167 24.99 17.19 -1.58
CA ASN A 167 24.95 15.86 -0.93
C ASN A 167 25.16 14.65 -1.84
N ASN A 168 24.78 14.76 -3.10
CA ASN A 168 24.86 13.62 -3.99
C ASN A 168 25.17 13.97 -5.45
N HIS A 169 25.70 13.00 -6.18
CA HIS A 169 25.99 13.16 -7.62
C HIS A 169 24.73 13.55 -8.34
N HIS A 170 24.82 14.55 -9.20
CA HIS A 170 23.69 14.92 -10.07
C HIS A 170 24.08 15.87 -11.16
N ARG A 171 23.46 15.68 -12.31
CA ARG A 171 23.61 16.58 -13.44
C ARG A 171 22.38 17.48 -13.53
N LEU A 172 22.61 18.80 -13.47
CA LEU A 172 21.52 19.77 -13.58
C LEU A 172 21.42 20.32 -14.99
N THR A 173 20.20 20.43 -15.50
CA THR A 173 19.96 21.19 -16.73
C THR A 173 19.15 22.45 -16.42
N ASP A 174 18.83 23.23 -17.45
CA ASP A 174 18.20 24.54 -17.26
C ASP A 174 16.85 24.44 -16.52
N ARG A 175 16.62 25.37 -15.60
CA ARG A 175 15.34 25.54 -14.94
C ARG A 175 14.74 24.26 -14.37
N ARG A 176 15.45 23.58 -13.49
CA ARG A 176 14.87 22.46 -12.76
C ARG A 176 13.98 22.93 -11.62
N GLY A 177 13.06 22.07 -11.18
CA GLY A 177 12.20 22.38 -10.04
C GLY A 177 12.95 22.43 -8.72
N ILE A 178 12.47 23.30 -7.83
CA ILE A 178 13.07 23.47 -6.49
C ILE A 178 12.00 23.24 -5.40
N ASN A 179 12.38 22.54 -4.35
CA ASN A 179 11.51 22.40 -3.20
C ASN A 179 12.24 22.80 -1.95
N LEU A 180 11.54 23.50 -1.07
CA LEU A 180 12.11 23.88 0.20
C LEU A 180 11.40 23.12 1.33
N PRO A 181 11.90 21.92 1.67
CA PRO A 181 11.15 21.02 2.56
C PRO A 181 10.99 21.60 3.94
N GLY A 182 9.76 21.55 4.46
CA GLY A 182 9.49 22.00 5.82
C GLY A 182 9.49 23.51 5.91
N CYS A 183 9.56 24.16 4.75
CA CYS A 183 9.76 25.61 4.70
CA CYS A 183 9.75 25.60 4.69
C CYS A 183 8.47 26.30 4.29
N GLU A 184 8.14 27.38 5.01
CA GLU A 184 7.04 28.27 4.59
C GLU A 184 7.36 28.86 3.21
N VAL A 185 6.38 28.88 2.33
CA VAL A 185 6.61 29.35 0.98
C VAL A 185 5.53 30.32 0.60
N ASP A 186 5.90 31.52 0.17
CA ASP A 186 4.94 32.60 -0.03
C ASP A 186 4.73 32.95 -1.49
N LEU A 187 4.24 32.00 -2.27
CA LEU A 187 3.87 32.22 -3.64
C LEU A 187 2.37 32.47 -3.73
N PRO A 188 1.94 33.20 -4.77
CA PRO A 188 0.52 33.46 -5.01
C PRO A 188 -0.23 32.17 -5.28
N ALA A 189 -1.54 32.20 -5.10
CA ALA A 189 -2.35 31.01 -5.31
C ALA A 189 -2.35 30.66 -6.77
N VAL A 190 -2.48 31.68 -7.60
CA VAL A 190 -2.55 31.48 -9.03
C VAL A 190 -1.48 32.29 -9.75
N SER A 191 -0.75 31.63 -10.64
CA SER A 191 0.18 32.29 -11.54
C SER A 191 -0.60 32.98 -12.68
N GLU A 192 0.11 33.77 -13.47
CA GLU A 192 -0.48 34.40 -14.67
C GLU A 192 -0.97 33.36 -15.67
N LYS A 193 -0.21 32.27 -15.83
CA LYS A 193 -0.68 31.17 -16.66
C LYS A 193 -1.93 30.51 -16.07
N ASP A 194 -1.96 30.31 -14.75
CA ASP A 194 -3.12 29.67 -14.12
C ASP A 194 -4.39 30.48 -14.42
N ARG A 195 -4.25 31.80 -14.42
CA ARG A 195 -5.37 32.67 -14.73
C ARG A 195 -5.92 32.44 -16.10
N LYS A 196 -5.05 32.36 -17.09
CA LYS A 196 -5.51 32.11 -18.45
C LYS A 196 -6.11 30.69 -18.54
N ASP A 197 -5.55 29.77 -17.77
CA ASP A 197 -6.04 28.39 -17.76
C ASP A 197 -7.43 28.29 -17.12
N LEU A 198 -7.63 28.98 -15.98
CA LEU A 198 -8.92 28.99 -15.30
C LEU A 198 -9.97 29.68 -16.15
N GLU A 199 -9.60 30.81 -16.74
CA GLU A 199 -10.51 31.52 -17.64
C GLU A 199 -10.97 30.60 -18.77
N PHE A 200 -10.05 29.81 -19.29
CA PHE A 200 -10.37 28.83 -20.30
C PHE A 200 -11.34 27.75 -19.72
N GLY A 201 -11.04 27.25 -18.52
CA GLY A 201 -11.88 26.22 -17.90
C GLY A 201 -13.31 26.70 -17.66
N VAL A 202 -13.44 27.94 -17.24
CA VAL A 202 -14.76 28.55 -17.02
C VAL A 202 -15.52 28.72 -18.33
N ALA A 203 -14.84 29.21 -19.38
CA ALA A 203 -15.49 29.44 -20.66
C ALA A 203 -15.93 28.10 -21.28
N GLN A 204 -15.14 27.05 -21.06
CA GLN A 204 -15.47 25.74 -21.64
C GLN A 204 -16.35 24.85 -20.74
N GLY A 205 -16.68 25.35 -19.55
CA GLY A 205 -17.63 24.64 -18.66
C GLY A 205 -17.06 23.40 -17.94
N VAL A 206 -15.80 23.47 -17.50
CA VAL A 206 -15.22 22.36 -16.72
C VAL A 206 -15.96 22.24 -15.39
N ASP A 207 -15.99 21.04 -14.84
CA ASP A 207 -16.79 20.79 -13.62
C ASP A 207 -16.04 21.06 -12.31
N MET A 208 -14.71 21.02 -12.37
CA MET A 208 -13.91 21.10 -11.14
C MET A 208 -12.48 21.48 -11.48
N ILE A 209 -11.85 22.17 -10.56
CA ILE A 209 -10.44 22.50 -10.67
C ILE A 209 -9.70 21.65 -9.65
N PHE A 210 -8.67 20.93 -10.08
CA PHE A 210 -7.71 20.37 -9.15
C PHE A 210 -6.61 21.42 -8.96
N ALA A 211 -6.69 22.17 -7.86
CA ALA A 211 -5.82 23.32 -7.70
C ALA A 211 -4.49 22.93 -7.06
N SER A 212 -3.41 23.21 -7.78
CA SER A 212 -2.09 22.73 -7.39
C SER A 212 -1.49 23.52 -6.23
N PHE A 213 -0.72 22.83 -5.39
CA PHE A 213 0.15 23.47 -4.38
C PHE A 213 -0.61 24.41 -3.42
N ILE A 214 -1.76 23.95 -2.94
CA ILE A 214 -2.54 24.75 -1.98
C ILE A 214 -1.96 24.66 -0.57
N ARG A 215 -1.58 25.81 -0.02
CA ARG A 215 -0.87 25.86 1.27
C ARG A 215 -1.71 26.45 2.39
N THR A 216 -2.71 27.25 2.04
CA THR A 216 -3.50 27.99 3.00
C THR A 216 -4.92 28.09 2.49
N ALA A 217 -5.87 28.30 3.40
CA ALA A 217 -7.25 28.61 3.05
C ALA A 217 -7.36 29.87 2.19
N GLU A 218 -6.48 30.83 2.45
CA GLU A 218 -6.55 32.10 1.75
C GLU A 218 -6.31 31.87 0.26
N GLN A 219 -5.36 31.01 -0.06
CA GLN A 219 -5.14 30.62 -1.45
C GLN A 219 -6.31 29.95 -2.12
N VAL A 220 -7.02 29.07 -1.40
CA VAL A 220 -8.27 28.52 -1.93
C VAL A 220 -9.22 29.65 -2.34
N ARG A 221 -9.41 30.63 -1.44
CA ARG A 221 -10.28 31.79 -1.71
C ARG A 221 -9.81 32.64 -2.92
N GLU A 222 -8.51 32.72 -3.12
CA GLU A 222 -8.00 33.39 -4.30
C GLU A 222 -8.29 32.62 -5.55
N VAL A 223 -8.21 31.29 -5.49
CA VAL A 223 -8.63 30.49 -6.63
C VAL A 223 -10.12 30.68 -6.91
N ARG A 224 -10.90 30.75 -5.85
CA ARG A 224 -12.34 30.93 -5.95
C ARG A 224 -12.62 32.31 -6.56
N ALA A 225 -11.89 33.31 -6.10
CA ALA A 225 -12.01 34.67 -6.62
C ALA A 225 -11.66 34.75 -8.13
N ALA A 226 -10.61 34.02 -8.53
CA ALA A 226 -10.19 34.02 -9.93
C ALA A 226 -11.23 33.34 -10.83
N LEU A 227 -11.95 32.37 -10.30
CA LEU A 227 -13.02 31.72 -11.06
C LEU A 227 -14.19 32.65 -11.26
N GLY A 228 -14.36 33.59 -10.32
CA GLY A 228 -15.31 34.69 -10.53
C GLY A 228 -16.75 34.26 -10.38
N GLU A 229 -17.66 35.18 -10.71
CA GLU A 229 -19.09 34.91 -10.68
C GLU A 229 -19.46 33.76 -11.60
N LYS A 230 -18.91 33.75 -12.81
CA LYS A 230 -19.28 32.74 -13.79
C LYS A 230 -18.77 31.34 -13.46
N GLY A 231 -17.72 31.25 -12.64
CA GLY A 231 -17.17 29.94 -12.22
C GLY A 231 -17.60 29.54 -10.81
N LYS A 232 -18.60 30.22 -10.28
CA LYS A 232 -18.95 30.08 -8.88
C LYS A 232 -19.44 28.66 -8.53
N ASP A 233 -19.94 27.91 -9.51
CA ASP A 233 -20.46 26.56 -9.26
C ASP A 233 -19.44 25.45 -9.56
N ILE A 234 -18.25 25.86 -9.96
CA ILE A 234 -17.20 24.88 -10.27
C ILE A 234 -16.52 24.45 -8.96
N LEU A 235 -16.42 23.14 -8.74
CA LEU A 235 -15.77 22.63 -7.53
C LEU A 235 -14.30 23.01 -7.50
N ILE A 236 -13.81 23.39 -6.33
CA ILE A 236 -12.37 23.45 -6.09
C ILE A 236 -11.88 22.29 -5.23
N ILE A 237 -11.06 21.43 -5.83
CA ILE A 237 -10.45 20.33 -5.14
C ILE A 237 -9.02 20.72 -4.87
N SER A 238 -8.68 21.00 -3.61
CA SER A 238 -7.34 21.49 -3.31
C SER A 238 -6.35 20.34 -3.26
N LYS A 239 -5.22 20.51 -3.95
CA LYS A 239 -4.17 19.51 -3.95
C LYS A 239 -3.17 19.78 -2.83
N ILE A 240 -3.08 18.83 -1.91
CA ILE A 240 -2.18 18.98 -0.77
C ILE A 240 -0.80 18.43 -1.12
N GLU A 241 0.20 19.32 -1.22
CA GLU A 241 1.48 18.94 -1.83
C GLU A 241 2.71 19.24 -0.98
N ASN A 242 2.55 19.89 0.17
CA ASN A 242 3.68 20.19 1.03
C ASN A 242 3.27 20.25 2.50
N HIS A 243 4.23 20.47 3.39
CA HIS A 243 3.94 20.38 4.82
C HIS A 243 2.95 21.46 5.26
N GLN A 244 2.99 22.61 4.61
CA GLN A 244 2.07 23.69 4.94
C GLN A 244 0.64 23.27 4.73
N GLY A 245 0.39 22.65 3.58
CA GLY A 245 -0.96 22.14 3.26
C GLY A 245 -1.45 21.13 4.28
N VAL A 246 -0.56 20.22 4.70
CA VAL A 246 -0.88 19.23 5.73
C VAL A 246 -1.17 19.93 7.06
N GLN A 247 -0.33 20.89 7.42
CA GLN A 247 -0.50 21.64 8.65
C GLN A 247 -1.81 22.42 8.68
N ASN A 248 -2.16 23.04 7.57
CA ASN A 248 -3.35 23.88 7.50
C ASN A 248 -4.59 23.11 6.98
N ILE A 249 -4.51 21.79 7.01
CA ILE A 249 -5.55 20.98 6.36
C ILE A 249 -7.00 21.36 6.80
N ASP A 250 -7.21 21.62 8.09
CA ASP A 250 -8.57 21.92 8.59
C ASP A 250 -9.20 23.09 7.84
N SER A 251 -8.47 24.21 7.80
CA SER A 251 -9.01 25.43 7.24
C SER A 251 -9.04 25.30 5.69
N ILE A 252 -8.15 24.47 5.15
CA ILE A 252 -8.14 24.26 3.71
C ILE A 252 -9.36 23.45 3.30
N ILE A 253 -9.63 22.38 4.06
CA ILE A 253 -10.84 21.59 3.86
C ILE A 253 -12.07 22.50 3.95
N GLU A 254 -12.14 23.32 4.99
CA GLU A 254 -13.30 24.18 5.18
CA GLU A 254 -13.30 24.21 5.18
C GLU A 254 -13.54 25.07 3.94
N ALA A 255 -12.48 25.58 3.34
CA ALA A 255 -12.59 26.50 2.21
C ALA A 255 -12.85 25.79 0.88
N SER A 256 -12.53 24.49 0.82
CA SER A 256 -12.52 23.77 -0.47
C SER A 256 -13.82 22.97 -0.65
N ASN A 257 -14.06 22.45 -1.84
CA ASN A 257 -15.13 21.49 -2.05
C ASN A 257 -14.65 20.06 -1.85
N GLY A 258 -13.35 19.87 -1.80
CA GLY A 258 -12.76 18.53 -1.80
C GLY A 258 -11.24 18.64 -1.73
N ILE A 259 -10.57 17.49 -1.60
CA ILE A 259 -9.12 17.45 -1.41
C ILE A 259 -8.54 16.36 -2.30
N MET A 260 -7.37 16.63 -2.88
CA MET A 260 -6.55 15.57 -3.46
C MET A 260 -5.30 15.39 -2.64
N VAL A 261 -5.01 14.15 -2.26
CA VAL A 261 -3.75 13.86 -1.58
C VAL A 261 -2.73 13.63 -2.66
N ALA A 262 -2.02 14.69 -3.03
CA ALA A 262 -1.18 14.68 -4.21
C ALA A 262 0.19 14.12 -3.85
N ARG A 263 0.30 12.82 -3.81
CA ARG A 263 1.41 12.14 -3.08
C ARG A 263 2.78 12.30 -3.73
N GLY A 264 2.79 12.55 -5.04
CA GLY A 264 4.03 12.64 -5.78
C GLY A 264 4.83 13.84 -5.32
N ASP A 265 4.22 15.01 -5.42
CA ASP A 265 4.83 16.23 -4.91
C ASP A 265 4.98 16.25 -3.37
N LEU A 266 4.00 15.68 -2.67
CA LEU A 266 4.07 15.64 -1.21
C LEU A 266 5.29 14.86 -0.72
N GLY A 267 5.55 13.71 -1.36
CA GLY A 267 6.63 12.81 -0.96
C GLY A 267 8.00 13.34 -1.43
N VAL A 268 7.96 14.45 -2.15
CA VAL A 268 9.17 15.20 -2.41
C VAL A 268 9.41 16.24 -1.31
N GLU A 269 8.35 16.83 -0.79
CA GLU A 269 8.48 17.90 0.20
C GLU A 269 8.65 17.34 1.63
N ILE A 270 8.00 16.21 1.92
CA ILE A 270 8.18 15.59 3.22
C ILE A 270 8.75 14.21 3.02
N PRO A 271 9.34 13.64 4.07
CA PRO A 271 9.92 12.31 3.92
C PRO A 271 8.86 11.28 3.39
N ALA A 272 9.28 10.40 2.48
CA ALA A 272 8.34 9.53 1.75
C ALA A 272 7.50 8.71 2.71
N GLU A 273 8.13 8.27 3.79
CA GLU A 273 7.43 7.44 4.79
C GLU A 273 6.34 8.22 5.55
N LYS A 274 6.43 9.54 5.57
CA LYS A 274 5.42 10.35 6.26
C LYS A 274 4.17 10.62 5.41
N VAL A 275 4.27 10.36 4.11
CA VAL A 275 3.13 10.45 3.20
C VAL A 275 1.97 9.52 3.62
N CYS A 276 2.28 8.35 4.17
CA CYS A 276 1.25 7.43 4.63
CA CYS A 276 1.26 7.43 4.63
C CYS A 276 0.48 7.97 5.83
N VAL A 277 1.17 8.70 6.69
CA VAL A 277 0.52 9.32 7.83
C VAL A 277 -0.37 10.48 7.36
N ALA A 278 0.19 11.37 6.52
CA ALA A 278 -0.59 12.49 5.98
C ALA A 278 -1.84 11.96 5.27
N GLN A 279 -1.68 10.88 4.51
CA GLN A 279 -2.77 10.33 3.70
C GLN A 279 -3.93 9.88 4.61
N MET A 280 -3.60 9.03 5.60
CA MET A 280 -4.60 8.53 6.53
C MET A 280 -5.32 9.67 7.22
N CYS A 281 -4.56 10.66 7.68
CA CYS A 281 -5.13 11.82 8.37
C CYS A 281 -6.05 12.63 7.46
N ILE A 282 -5.56 13.00 6.28
CA ILE A 282 -6.35 13.85 5.37
C ILE A 282 -7.63 13.14 4.92
N ILE A 283 -7.53 11.87 4.55
CA ILE A 283 -8.72 11.17 4.07
C ILE A 283 -9.80 11.14 5.18
N SER A 284 -9.38 10.74 6.38
CA SER A 284 -10.30 10.68 7.51
C SER A 284 -10.90 12.06 7.87
N LYS A 285 -10.11 13.11 7.75
CA LYS A 285 -10.62 14.45 8.03
C LYS A 285 -11.64 14.86 6.99
N CYS A 286 -11.41 14.47 5.74
CA CYS A 286 -12.41 14.71 4.70
C CYS A 286 -13.68 13.88 4.93
N ASN A 287 -13.53 12.61 5.28
CA ASN A 287 -14.68 11.77 5.60
C ASN A 287 -15.54 12.42 6.70
N VAL A 288 -14.88 12.97 7.72
CA VAL A 288 -15.58 13.48 8.90
C VAL A 288 -16.48 14.67 8.56
N VAL A 289 -16.04 15.54 7.65
CA VAL A 289 -16.88 16.67 7.23
C VAL A 289 -17.70 16.39 5.96
N GLY A 290 -17.61 15.18 5.43
CA GLY A 290 -18.40 14.80 4.25
C GLY A 290 -18.01 15.51 2.95
N LYS A 291 -16.72 15.65 2.72
CA LYS A 291 -16.22 16.20 1.47
C LYS A 291 -15.35 15.20 0.70
N PRO A 292 -15.49 15.17 -0.62
CA PRO A 292 -14.81 14.19 -1.46
C PRO A 292 -13.29 14.29 -1.38
N VAL A 293 -12.66 13.13 -1.32
CA VAL A 293 -11.23 13.09 -1.27
C VAL A 293 -10.66 12.13 -2.29
N ILE A 294 -9.62 12.56 -3.00
CA ILE A 294 -8.99 11.76 -4.06
C ILE A 294 -7.59 11.35 -3.64
N CYS A 295 -7.29 10.06 -3.71
CA CYS A 295 -5.91 9.62 -3.55
C CYS A 295 -5.24 9.48 -4.93
N ALA A 296 -4.03 10.02 -5.07
CA ALA A 296 -3.36 10.15 -6.38
C ALA A 296 -1.90 9.66 -6.33
N THR A 297 -1.41 9.22 -7.49
CA THR A 297 0.02 9.20 -7.85
C THR A 297 0.64 7.81 -7.71
N GLN A 298 0.99 7.23 -8.86
CA GLN A 298 1.74 5.96 -8.94
C GLN A 298 0.99 4.77 -8.33
N MET A 299 -0.32 4.85 -8.28
CA MET A 299 -1.11 3.79 -7.66
C MET A 299 -0.98 2.47 -8.41
N LEU A 300 -0.89 2.53 -9.73
CA LEU A 300 -0.69 1.34 -10.55
C LEU A 300 0.42 1.57 -11.57
N GLU A 301 1.47 2.27 -11.14
CA GLU A 301 2.49 2.82 -12.02
C GLU A 301 3.03 1.81 -13.04
N SER A 302 3.36 0.62 -12.58
CA SER A 302 4.08 -0.31 -13.43
C SER A 302 3.20 -0.74 -14.62
N MET A 303 1.87 -0.55 -14.53
CA MET A 303 1.00 -0.88 -15.66
C MET A 303 1.08 0.15 -16.79
N THR A 304 1.82 1.25 -16.55
CA THR A 304 2.27 2.07 -17.64
C THR A 304 2.94 1.24 -18.75
N SER A 305 3.69 0.20 -18.36
CA SER A 305 4.44 -0.64 -19.34
C SER A 305 4.07 -2.10 -19.29
N ASN A 306 3.42 -2.52 -18.21
CA ASN A 306 3.15 -3.93 -17.99
C ASN A 306 1.66 -4.21 -17.91
N PRO A 307 1.25 -5.39 -18.38
CA PRO A 307 -0.16 -5.71 -18.47
C PRO A 307 -0.79 -6.11 -17.11
N ARG A 308 0.04 -6.37 -16.09
CA ARG A 308 -0.43 -6.62 -14.71
C ARG A 308 0.30 -5.70 -13.73
N PRO A 309 -0.33 -5.43 -12.58
CA PRO A 309 0.28 -4.50 -11.60
C PRO A 309 1.18 -5.30 -10.65
N THR A 310 2.06 -4.62 -9.92
CA THR A 310 2.84 -5.31 -8.87
C THR A 310 1.94 -5.58 -7.67
N ARG A 311 2.42 -6.41 -6.76
CA ARG A 311 1.71 -6.69 -5.53
C ARG A 311 1.52 -5.42 -4.66
N ALA A 312 2.53 -4.56 -4.62
CA ALA A 312 2.44 -3.31 -3.84
C ALA A 312 1.34 -2.40 -4.38
N GLU A 313 1.21 -2.36 -5.70
CA GLU A 313 0.24 -1.51 -6.36
C GLU A 313 -1.19 -1.94 -6.07
N VAL A 314 -1.43 -3.26 -6.08
CA VAL A 314 -2.75 -3.75 -5.71
C VAL A 314 -3.11 -3.36 -4.25
N SER A 315 -2.14 -3.47 -3.34
CA SER A 315 -2.44 -3.19 -1.95
C SER A 315 -2.61 -1.66 -1.73
N ASP A 316 -1.94 -0.86 -2.55
CA ASP A 316 -2.05 0.59 -2.47
C ASP A 316 -3.46 1.02 -2.82
N VAL A 317 -4.00 0.49 -3.91
CA VAL A 317 -5.34 0.86 -4.31
C VAL A 317 -6.35 0.36 -3.26
N ALA A 318 -6.20 -0.87 -2.81
CA ALA A 318 -7.14 -1.43 -1.85
C ALA A 318 -7.14 -0.61 -0.55
N ASN A 319 -5.95 -0.22 -0.12
CA ASN A 319 -5.80 0.51 1.12
C ASN A 319 -6.30 1.96 1.08
N ALA A 320 -6.17 2.60 -0.08
CA ALA A 320 -6.73 3.94 -0.26
C ALA A 320 -8.25 3.87 -0.08
N VAL A 321 -8.86 2.82 -0.63
CA VAL A 321 -10.29 2.56 -0.42
C VAL A 321 -10.62 2.31 1.05
N LEU A 322 -9.84 1.42 1.70
CA LEU A 322 -10.07 1.09 3.10
C LEU A 322 -9.84 2.32 3.96
N ASN A 323 -8.88 3.16 3.58
CA ASN A 323 -8.63 4.41 4.31
C ASN A 323 -9.88 5.27 4.33
N GLY A 324 -10.69 5.16 3.28
CA GLY A 324 -11.92 6.00 3.17
C GLY A 324 -11.99 6.94 1.96
N ALA A 325 -11.08 6.80 1.02
CA ALA A 325 -11.04 7.72 -0.12
C ALA A 325 -12.27 7.52 -1.03
N ASP A 326 -12.88 8.62 -1.50
CA ASP A 326 -13.96 8.48 -2.48
C ASP A 326 -13.39 7.98 -3.79
N CYS A 327 -12.28 8.60 -4.19
CA CYS A 327 -11.73 8.36 -5.50
C CYS A 327 -10.31 7.88 -5.40
N VAL A 328 -9.89 7.15 -6.43
CA VAL A 328 -8.50 6.96 -6.71
C VAL A 328 -8.20 7.42 -8.13
N MET A 329 -6.92 7.66 -8.40
CA MET A 329 -6.56 8.41 -9.58
C MET A 329 -5.44 7.72 -10.34
N LEU A 330 -5.47 7.90 -11.65
CA LEU A 330 -4.43 7.42 -12.51
C LEU A 330 -3.87 8.63 -13.27
N SER A 331 -2.54 8.68 -13.40
CA SER A 331 -1.87 9.74 -14.14
C SER A 331 -1.25 9.16 -15.41
N GLY A 332 0.06 8.94 -15.40
CA GLY A 332 0.74 8.44 -16.59
C GLY A 332 0.17 7.10 -17.06
N GLU A 333 -0.42 6.33 -16.14
CA GLU A 333 -0.95 5.00 -16.46
C GLU A 333 -1.98 5.08 -17.62
N THR A 334 -2.81 6.12 -17.60
CA THR A 334 -3.78 6.33 -18.69
C THR A 334 -3.38 7.43 -19.68
N ALA A 335 -2.66 8.45 -19.22
CA ALA A 335 -2.22 9.52 -20.12
C ALA A 335 -1.32 8.96 -21.22
N LYS A 336 -0.32 8.17 -20.84
CA LYS A 336 0.69 7.72 -21.82
C LYS A 336 1.06 6.23 -21.77
N GLY A 337 0.39 5.47 -20.94
CA GLY A 337 0.75 4.06 -20.80
C GLY A 337 0.26 3.19 -21.93
N LYS A 338 0.75 1.98 -21.97
CA LYS A 338 0.43 1.06 -23.05
C LYS A 338 -0.84 0.26 -22.80
N TYR A 339 -1.33 0.25 -21.56
CA TYR A 339 -2.50 -0.56 -21.21
C TYR A 339 -3.60 0.23 -20.49
N PRO A 340 -4.05 1.35 -21.09
CA PRO A 340 -4.99 2.24 -20.40
C PRO A 340 -6.29 1.55 -19.97
N ASN A 341 -6.86 0.71 -20.83
CA ASN A 341 -8.11 0.04 -20.49
C ASN A 341 -7.92 -0.97 -19.39
N GLU A 342 -6.83 -1.74 -19.48
CA GLU A 342 -6.56 -2.80 -18.52
C GLU A 342 -6.21 -2.23 -17.14
N VAL A 343 -5.54 -1.09 -17.09
CA VAL A 343 -5.22 -0.50 -15.80
C VAL A 343 -6.47 -0.01 -15.06
N VAL A 344 -7.41 0.59 -15.80
CA VAL A 344 -8.67 1.04 -15.21
C VAL A 344 -9.52 -0.15 -14.78
N GLN A 345 -9.46 -1.22 -15.56
CA GLN A 345 -10.22 -2.41 -15.21
C GLN A 345 -9.71 -3.06 -13.94
N TYR A 346 -8.38 -3.20 -13.82
CA TYR A 346 -7.76 -3.69 -12.58
C TYR A 346 -8.15 -2.80 -11.43
N MET A 347 -7.98 -1.49 -11.63
CA MET A 347 -8.30 -0.54 -10.59
C MET A 347 -9.73 -0.72 -10.10
N ALA A 348 -10.68 -0.85 -11.05
CA ALA A 348 -12.08 -1.19 -10.70
C ALA A 348 -12.19 -2.47 -9.86
N ARG A 349 -11.51 -3.54 -10.26
CA ARG A 349 -11.65 -4.84 -9.56
C ARG A 349 -11.07 -4.77 -8.16
N ILE A 350 -9.96 -4.07 -8.00
CA ILE A 350 -9.37 -3.88 -6.68
C ILE A 350 -10.31 -3.07 -5.75
N CYS A 351 -10.85 -1.96 -6.26
CA CYS A 351 -11.79 -1.14 -5.49
C CYS A 351 -12.94 -2.01 -4.95
N VAL A 352 -13.50 -2.82 -5.84
CA VAL A 352 -14.59 -3.74 -5.48
C VAL A 352 -14.23 -4.76 -4.41
N GLU A 353 -13.02 -5.35 -4.48
CA GLU A 353 -12.57 -6.28 -3.40
C GLU A 353 -12.50 -5.53 -2.08
N ALA A 354 -11.88 -4.37 -2.10
CA ALA A 354 -11.66 -3.59 -0.89
C ALA A 354 -13.02 -3.22 -0.29
N GLN A 355 -13.94 -2.80 -1.16
CA GLN A 355 -15.31 -2.44 -0.75
C GLN A 355 -16.01 -3.64 -0.12
N SER A 356 -15.82 -4.83 -0.70
CA SER A 356 -16.49 -6.05 -0.20
C SER A 356 -15.91 -6.52 1.13
N ALA A 357 -14.66 -6.15 1.40
CA ALA A 357 -14.03 -6.52 2.68
C ALA A 357 -14.27 -5.47 3.76
N THR A 358 -14.94 -4.38 3.42
CA THR A 358 -15.10 -3.31 4.39
C THR A 358 -16.13 -3.74 5.40
N HIS A 359 -15.84 -3.51 6.69
CA HIS A 359 -16.79 -3.83 7.74
C HIS A 359 -17.90 -2.83 7.77
N ASP A 360 -19.10 -3.27 7.39
CA ASP A 360 -20.05 -2.40 6.68
C ASP A 360 -20.47 -1.14 7.44
N THR A 361 -20.69 -1.27 8.75
CA THR A 361 -21.35 -0.24 9.54
C THR A 361 -20.34 0.54 10.39
N VAL A 362 -19.08 0.11 10.36
CA VAL A 362 -18.05 0.69 11.20
C VAL A 362 -17.80 2.16 10.83
N MET A 363 -17.65 2.44 9.54
CA MET A 363 -17.48 3.81 9.06
C MET A 363 -18.68 4.69 9.43
N PHE A 364 -19.90 4.22 9.10
CA PHE A 364 -21.13 4.90 9.51
C PHE A 364 -21.08 5.37 10.99
N ASN A 365 -20.81 4.42 11.89
CA ASN A 365 -20.79 4.70 13.31
C ASN A 365 -19.66 5.63 13.75
N SER A 366 -18.46 5.39 13.23
CA SER A 366 -17.34 6.29 13.49
C SER A 366 -17.61 7.72 13.04
N ILE A 367 -18.12 7.87 11.83
CA ILE A 367 -18.49 9.20 11.31
C ILE A 367 -19.62 9.87 12.11
N LYS A 368 -20.69 9.15 12.40
CA LYS A 368 -21.81 9.69 13.16
C LYS A 368 -21.34 10.13 14.53
N ASN A 369 -20.51 9.31 15.18
CA ASN A 369 -20.05 9.60 16.54
C ASN A 369 -19.18 10.86 16.69
N LEU A 370 -18.68 11.41 15.59
CA LEU A 370 -17.87 12.62 15.69
C LEU A 370 -18.64 13.90 15.30
N GLN A 371 -19.92 13.77 14.97
CA GLN A 371 -20.67 14.93 14.55
C GLN A 371 -21.17 15.72 15.77
N LYS A 372 -21.11 17.02 15.70
CA LYS A 372 -21.68 17.84 16.72
C LYS A 372 -23.21 17.69 16.80
N ILE A 373 -23.69 17.56 18.03
CA ILE A 373 -25.11 17.55 18.29
C ILE A 373 -25.44 18.88 18.97
N PRO A 374 -26.55 19.53 18.58
CA PRO A 374 -27.56 19.05 17.64
C PRO A 374 -27.13 19.25 16.19
N MET A 375 -27.48 18.31 15.31
CA MET A 375 -27.25 18.45 13.87
C MET A 375 -28.31 19.37 13.31
N CYS A 376 -28.08 19.85 12.09
CA CYS A 376 -29.13 20.40 11.23
CA CYS A 376 -29.16 20.41 11.30
C CYS A 376 -30.10 19.30 10.83
N PRO A 377 -31.34 19.66 10.53
CA PRO A 377 -32.35 18.65 10.23
C PRO A 377 -31.98 17.78 9.01
N GLU A 378 -31.44 18.37 7.95
CA GLU A 378 -31.14 17.57 6.78
C GLU A 378 -30.05 16.52 7.07
N GLU A 379 -29.16 16.81 8.00
CA GLU A 379 -28.13 15.85 8.29
C GLU A 379 -28.62 14.71 9.19
N ALA A 380 -29.52 15.02 10.13
CA ALA A 380 -30.23 13.96 10.85
C ALA A 380 -31.03 13.04 9.89
N VAL A 381 -31.73 13.66 8.95
CA VAL A 381 -32.51 12.93 7.95
C VAL A 381 -31.57 12.03 7.12
N CYS A 382 -30.47 12.60 6.64
CA CYS A 382 -29.58 11.84 5.76
C CYS A 382 -28.86 10.69 6.49
N SER A 383 -28.31 10.96 7.69
CA SER A 383 -27.65 9.91 8.46
C SER A 383 -28.63 8.82 8.92
N SER A 384 -29.84 9.23 9.34
CA SER A 384 -30.83 8.24 9.77
C SER A 384 -31.37 7.41 8.61
N ALA A 385 -31.34 8.00 7.41
CA ALA A 385 -31.77 7.29 6.21
C ALA A 385 -30.76 6.18 5.91
N VAL A 386 -29.48 6.50 6.03
CA VAL A 386 -28.46 5.47 5.91
C VAL A 386 -28.61 4.40 6.99
N ALA A 387 -28.86 4.83 8.21
CA ALA A 387 -29.13 3.89 9.28
C ALA A 387 -30.28 2.92 8.84
N SER A 388 -31.36 3.48 8.31
CA SER A 388 -32.51 2.69 7.89
C SER A 388 -32.13 1.71 6.82
N ALA A 389 -31.34 2.19 5.86
CA ALA A 389 -30.86 1.33 4.77
C ALA A 389 -30.16 0.09 5.32
N PHE A 390 -29.26 0.28 6.29
CA PHE A 390 -28.59 -0.88 6.91
C PHE A 390 -29.61 -1.78 7.60
N GLU A 391 -30.62 -1.16 8.24
CA GLU A 391 -31.55 -1.93 9.07
C GLU A 391 -32.42 -2.87 8.24
N VAL A 392 -32.75 -2.47 7.02
CA VAL A 392 -33.58 -3.30 6.16
C VAL A 392 -32.78 -3.97 5.04
N GLN A 393 -31.45 -3.86 5.08
CA GLN A 393 -30.60 -4.36 3.98
C GLN A 393 -31.06 -3.82 2.62
N ALA A 394 -31.31 -2.52 2.58
CA ALA A 394 -31.76 -1.87 1.35
C ALA A 394 -30.73 -2.10 0.26
N LYS A 395 -31.21 -2.35 -0.96
CA LYS A 395 -30.29 -2.54 -2.10
C LYS A 395 -29.96 -1.24 -2.79
N ALA A 396 -30.73 -0.20 -2.48
CA ALA A 396 -30.42 1.13 -3.01
C ALA A 396 -31.03 2.21 -2.14
N MET A 397 -30.48 3.41 -2.24
CA MET A 397 -31.14 4.60 -1.75
C MET A 397 -31.41 5.51 -2.92
N LEU A 398 -32.40 6.40 -2.77
CA LEU A 398 -32.73 7.34 -3.81
C LEU A 398 -32.85 8.71 -3.14
N VAL A 399 -32.16 9.70 -3.70
CA VAL A 399 -32.23 11.06 -3.17
C VAL A 399 -32.45 12.06 -4.30
N LEU A 400 -33.27 13.07 -4.04
CA LEU A 400 -33.43 14.22 -4.94
C LEU A 400 -32.46 15.33 -4.51
N SER A 401 -31.58 15.72 -5.41
CA SER A 401 -30.63 16.77 -5.09
C SER A 401 -30.36 17.58 -6.33
N ASN A 402 -30.47 18.89 -6.22
CA ASN A 402 -30.23 19.76 -7.35
C ASN A 402 -28.82 20.30 -7.37
N THR A 403 -28.29 20.62 -6.20
CA THR A 403 -26.91 21.14 -6.10
C THR A 403 -25.92 20.00 -5.94
N GLY A 404 -26.41 18.83 -5.52
CA GLY A 404 -25.55 17.72 -5.18
C GLY A 404 -25.37 17.59 -3.65
N ARG A 405 -25.69 18.65 -2.92
CA ARG A 405 -25.47 18.69 -1.47
C ARG A 405 -26.00 17.45 -0.73
N SER A 406 -27.29 17.18 -0.91
CA SER A 406 -27.94 16.07 -0.21
C SER A 406 -27.34 14.75 -0.59
N ALA A 407 -26.92 14.61 -1.85
CA ALA A 407 -26.29 13.37 -2.28
C ALA A 407 -24.97 13.16 -1.53
N ARG A 408 -24.16 14.22 -1.44
CA ARG A 408 -22.90 14.15 -0.69
C ARG A 408 -23.13 13.90 0.79
N LEU A 409 -24.19 14.49 1.33
CA LEU A 409 -24.53 14.32 2.72
C LEU A 409 -24.93 12.88 3.06
N ILE A 410 -25.62 12.20 2.15
CA ILE A 410 -25.88 10.76 2.32
C ILE A 410 -24.61 9.94 2.16
N SER A 411 -23.80 10.25 1.14
CA SER A 411 -22.56 9.52 0.94
C SER A 411 -21.58 9.70 2.12
N LYS A 412 -21.68 10.83 2.80
CA LYS A 412 -20.88 11.07 4.01
C LYS A 412 -21.02 9.88 4.98
N TYR A 413 -22.20 9.30 5.06
CA TYR A 413 -22.46 8.26 6.06
C TYR A 413 -22.20 6.86 5.53
N ARG A 414 -21.60 6.79 4.34
CA ARG A 414 -21.00 5.56 3.84
C ARG A 414 -21.97 4.38 3.92
N PRO A 415 -23.14 4.47 3.24
CA PRO A 415 -23.99 3.29 3.10
C PRO A 415 -23.24 2.19 2.31
N ASN A 416 -23.74 0.95 2.38
CA ASN A 416 -23.13 -0.11 1.60
C ASN A 416 -23.86 -0.41 0.26
N CYS A 417 -24.87 0.37 -0.09
CA CYS A 417 -25.55 0.20 -1.37
C CYS A 417 -25.35 1.45 -2.21
N PRO A 418 -25.79 1.40 -3.47
CA PRO A 418 -25.77 2.60 -4.31
C PRO A 418 -26.68 3.74 -3.78
N ILE A 419 -26.25 4.97 -4.04
CA ILE A 419 -27.11 6.15 -3.84
C ILE A 419 -27.53 6.72 -5.19
N ILE A 420 -28.77 6.42 -5.59
CA ILE A 420 -29.32 6.98 -6.81
C ILE A 420 -29.74 8.43 -6.57
N CYS A 421 -29.09 9.36 -7.28
CA CYS A 421 -29.43 10.76 -7.17
C CYS A 421 -30.17 11.23 -8.42
N VAL A 422 -31.43 11.63 -8.26
CA VAL A 422 -32.15 12.29 -9.34
C VAL A 422 -31.97 13.80 -9.22
N THR A 423 -31.37 14.41 -10.25
CA THR A 423 -30.98 15.81 -10.17
C THR A 423 -31.58 16.58 -11.35
N THR A 424 -31.75 17.88 -11.18
CA THR A 424 -32.24 18.72 -12.26
C THR A 424 -31.10 19.41 -13.03
N ARG A 425 -29.86 19.04 -12.73
CA ARG A 425 -28.72 19.71 -13.35
C ARG A 425 -27.71 18.73 -13.91
N LEU A 426 -27.42 18.86 -15.20
CA LEU A 426 -26.39 18.02 -15.81
C LEU A 426 -25.04 18.18 -15.11
N GLN A 427 -24.70 19.39 -14.69
CA GLN A 427 -23.42 19.64 -14.04
C GLN A 427 -23.34 18.92 -12.70
N THR A 428 -24.49 18.77 -12.03
CA THR A 428 -24.54 18.01 -10.80
C THR A 428 -24.26 16.51 -11.02
N CYS A 429 -24.81 15.95 -12.10
CA CYS A 429 -24.48 14.56 -12.51
C CYS A 429 -22.97 14.46 -12.67
N ARG A 430 -22.38 15.43 -13.35
CA ARG A 430 -20.94 15.34 -13.64
C ARG A 430 -20.11 15.52 -12.39
N GLN A 431 -20.54 16.43 -11.53
CA GLN A 431 -19.80 16.71 -10.29
C GLN A 431 -19.90 15.61 -9.24
N LEU A 432 -20.99 14.88 -9.23
CA LEU A 432 -21.17 13.83 -8.22
C LEU A 432 -20.34 12.58 -8.53
N ASN A 433 -19.64 12.62 -9.66
CA ASN A 433 -18.67 11.58 -10.01
C ASN A 433 -17.51 11.43 -9.02
N VAL A 434 -17.22 12.46 -8.23
CA VAL A 434 -16.14 12.30 -7.24
C VAL A 434 -16.62 11.84 -5.87
N THR A 435 -17.89 11.44 -5.79
CA THR A 435 -18.47 11.10 -4.52
C THR A 435 -18.88 9.64 -4.45
N ARG A 436 -18.39 8.95 -3.43
CA ARG A 436 -18.54 7.49 -3.32
C ARG A 436 -20.01 7.10 -3.42
N SER A 437 -20.30 6.02 -4.18
CA SER A 437 -21.63 5.34 -4.13
C SER A 437 -22.68 5.96 -5.07
N VAL A 438 -22.51 7.24 -5.40
CA VAL A 438 -23.58 7.97 -6.08
C VAL A 438 -23.68 7.63 -7.55
N VAL A 439 -24.91 7.48 -8.02
CA VAL A 439 -25.18 7.26 -9.45
C VAL A 439 -26.32 8.19 -9.86
N SER A 440 -26.08 9.03 -10.86
CA SER A 440 -26.94 10.20 -11.11
C SER A 440 -27.88 9.95 -12.27
N VAL A 441 -29.11 10.45 -12.15
CA VAL A 441 -30.06 10.44 -13.25
C VAL A 441 -30.57 11.86 -13.44
N PHE A 442 -30.56 12.32 -14.69
CA PHE A 442 -30.96 13.70 -14.99
C PHE A 442 -32.48 13.79 -15.17
N TYR A 443 -33.11 14.72 -14.46
CA TYR A 443 -34.52 15.00 -14.70
C TYR A 443 -34.63 16.33 -15.38
N ASP A 444 -35.22 16.32 -16.58
CA ASP A 444 -35.29 17.54 -17.39
C ASP A 444 -36.54 18.34 -17.06
N ALA A 445 -36.43 19.32 -16.17
CA ALA A 445 -37.62 20.01 -15.67
C ALA A 445 -38.22 20.90 -16.75
N ALA A 446 -37.39 21.50 -17.58
CA ALA A 446 -37.87 22.25 -18.75
C ALA A 446 -38.74 21.37 -19.64
N LYS A 447 -38.37 20.11 -19.80
CA LYS A 447 -39.14 19.20 -20.62
C LYS A 447 -40.33 18.56 -19.92
N SER A 448 -40.16 18.05 -18.68
CA SER A 448 -41.25 17.26 -18.04
C SER A 448 -42.09 17.99 -17.01
N GLY A 449 -41.74 19.23 -16.73
CA GLY A 449 -42.47 20.01 -15.73
C GLY A 449 -41.81 20.09 -14.36
N GLU A 450 -42.42 20.85 -13.47
CA GLU A 450 -41.75 21.35 -12.25
C GLU A 450 -41.63 20.31 -11.14
N ASP A 451 -42.58 19.37 -11.10
CA ASP A 451 -42.52 18.25 -10.15
C ASP A 451 -42.43 18.70 -8.69
N LYS A 452 -43.26 19.68 -8.33
CA LYS A 452 -43.42 20.13 -6.95
C LYS A 452 -43.57 18.99 -5.97
N ASP A 453 -44.45 18.03 -6.27
CA ASP A 453 -44.75 16.95 -5.34
C ASP A 453 -43.81 15.74 -5.45
N LYS A 454 -42.72 15.88 -6.21
CA LYS A 454 -41.60 14.91 -6.21
C LYS A 454 -41.88 13.63 -6.99
N GLU A 455 -43.14 13.39 -7.32
CA GLU A 455 -43.54 12.09 -7.85
C GLU A 455 -42.84 11.67 -9.14
N LYS A 456 -42.63 12.61 -10.05
CA LYS A 456 -42.00 12.29 -11.33
C LYS A 456 -40.55 11.98 -11.13
N ARG A 457 -39.89 12.73 -10.26
CA ARG A 457 -38.50 12.45 -9.99
C ARG A 457 -38.30 11.15 -9.26
N VAL A 458 -39.23 10.81 -8.37
CA VAL A 458 -39.11 9.55 -7.62
C VAL A 458 -39.37 8.37 -8.54
N LYS A 459 -40.36 8.52 -9.41
CA LYS A 459 -40.66 7.47 -10.38
C LYS A 459 -39.45 7.23 -11.29
N LEU A 460 -38.87 8.31 -11.79
CA LEU A 460 -37.71 8.22 -12.64
C LEU A 460 -36.56 7.47 -11.92
N GLY A 461 -36.33 7.82 -10.65
CA GLY A 461 -35.28 7.18 -9.87
C GLY A 461 -35.56 5.71 -9.63
N LEU A 462 -36.81 5.39 -9.33
CA LEU A 462 -37.19 3.99 -9.06
C LEU A 462 -37.16 3.15 -10.33
N ASP A 463 -37.52 3.76 -11.47
CA ASP A 463 -37.42 3.07 -12.77
C ASP A 463 -35.97 2.80 -13.08
N PHE A 464 -35.12 3.75 -12.74
CA PHE A 464 -33.69 3.58 -12.96
C PHE A 464 -33.15 2.41 -12.12
N ALA A 465 -33.56 2.35 -10.85
CA ALA A 465 -33.14 1.25 -9.97
C ALA A 465 -33.43 -0.12 -10.61
N LYS A 466 -34.63 -0.24 -11.17
CA LYS A 466 -35.08 -1.47 -11.85
C LYS A 466 -34.29 -1.73 -13.13
N LYS A 467 -34.35 -0.78 -14.05
CA LYS A 467 -33.66 -0.88 -15.32
C LYS A 467 -32.19 -1.21 -15.15
N GLU A 468 -31.51 -0.52 -14.25
CA GLU A 468 -30.07 -0.72 -14.10
C GLU A 468 -29.73 -1.84 -13.13
N LYS A 469 -30.74 -2.60 -12.70
CA LYS A 469 -30.53 -3.81 -11.90
C LYS A 469 -29.88 -3.52 -10.54
N TYR A 470 -30.26 -2.41 -9.92
CA TYR A 470 -29.97 -2.18 -8.51
C TYR A 470 -30.97 -2.90 -7.62
N ALA A 471 -32.19 -3.04 -8.08
CA ALA A 471 -33.22 -3.63 -7.25
C ALA A 471 -34.40 -4.08 -8.09
N SER A 472 -35.25 -4.88 -7.49
CA SER A 472 -36.39 -5.47 -8.20
C SER A 472 -37.67 -5.20 -7.47
N THR A 473 -38.77 -5.51 -8.15
CA THR A 473 -40.09 -5.54 -7.60
C THR A 473 -40.12 -6.17 -6.21
N GLY A 474 -40.62 -5.42 -5.23
CA GLY A 474 -40.72 -5.94 -3.86
C GLY A 474 -39.52 -5.67 -2.97
N ASP A 475 -38.44 -5.13 -3.54
CA ASP A 475 -37.29 -4.67 -2.73
C ASP A 475 -37.59 -3.32 -2.06
N VAL A 476 -37.16 -3.17 -0.82
CA VAL A 476 -37.29 -1.89 -0.11
C VAL A 476 -36.18 -0.92 -0.53
N VAL A 477 -36.56 0.30 -0.91
CA VAL A 477 -35.62 1.36 -1.25
C VAL A 477 -35.81 2.49 -0.24
N VAL A 478 -34.72 3.12 0.17
CA VAL A 478 -34.80 4.24 1.12
C VAL A 478 -34.77 5.57 0.34
N VAL A 479 -35.81 6.38 0.48
CA VAL A 479 -36.00 7.52 -0.43
C VAL A 479 -36.02 8.84 0.35
N VAL A 480 -35.18 9.78 -0.04
CA VAL A 480 -34.94 11.00 0.73
C VAL A 480 -35.27 12.22 -0.13
N HIS A 481 -36.16 13.08 0.34
CA HIS A 481 -36.39 14.39 -0.28
C HIS A 481 -37.19 15.24 0.68
N ALA A 482 -37.85 16.29 0.18
CA ALA A 482 -38.64 17.15 1.08
C ALA A 482 -40.10 16.70 1.10
N ASP A 483 -40.85 17.13 2.11
CA ASP A 483 -42.31 17.01 2.05
C ASP A 483 -42.90 18.07 1.08
N HIS A 484 -44.22 18.17 1.00
CA HIS A 484 -44.84 19.07 0.01
C HIS A 484 -44.52 20.53 0.21
N SER A 485 -44.03 20.91 1.38
CA SER A 485 -43.88 22.32 1.65
C SER A 485 -42.47 22.79 2.02
N VAL A 486 -41.63 21.93 2.58
CA VAL A 486 -40.29 22.38 2.95
C VAL A 486 -39.40 22.60 1.71
N LYS A 487 -38.76 23.76 1.62
CA LYS A 487 -37.88 24.07 0.48
C LYS A 487 -36.43 24.23 0.93
N GLY A 488 -35.48 23.86 0.06
CA GLY A 488 -34.08 24.20 0.29
C GLY A 488 -33.24 23.03 0.79
N TYR A 489 -33.91 22.00 1.31
CA TYR A 489 -33.20 20.84 1.85
C TYR A 489 -34.21 19.71 2.03
N PRO A 490 -33.74 18.46 2.19
CA PRO A 490 -34.68 17.35 2.43
C PRO A 490 -34.99 17.20 3.93
N ASN A 491 -36.28 17.14 4.26
CA ASN A 491 -36.67 16.95 5.66
C ASN A 491 -37.39 15.63 5.87
N GLN A 492 -37.30 14.72 4.88
CA GLN A 492 -38.18 13.55 4.84
C GLN A 492 -37.44 12.29 4.34
N THR A 493 -37.71 11.14 4.99
CA THR A 493 -37.21 9.84 4.54
C THR A 493 -38.38 8.89 4.50
N ARG A 494 -38.48 8.11 3.41
CA ARG A 494 -39.51 7.10 3.30
C ARG A 494 -38.90 5.76 2.97
N LEU A 495 -39.50 4.68 3.45
CA LEU A 495 -39.14 3.36 2.96
C LEU A 495 -40.20 2.86 2.01
N ILE A 496 -39.79 2.57 0.78
CA ILE A 496 -40.71 2.25 -0.29
C ILE A 496 -40.36 0.90 -0.95
N TYR A 497 -41.35 0.05 -1.10
CA TYR A 497 -41.18 -1.18 -1.87
C TYR A 497 -41.28 -0.88 -3.37
N LEU A 498 -40.38 -1.44 -4.15
CA LEU A 498 -40.43 -1.26 -5.59
C LEU A 498 -41.67 -1.91 -6.16
N PRO A 499 -42.49 -1.13 -6.89
CA PRO A 499 -43.73 -1.65 -7.48
C PRO A 499 -43.44 -2.77 -8.47
N SER B 2 -11.89 4.83 17.81
CA SER B 2 -12.16 4.32 16.43
C SER B 2 -10.95 4.62 15.56
N GLN B 3 -10.77 3.86 14.47
CA GLN B 3 -9.68 4.13 13.53
C GLN B 3 -9.80 5.55 12.96
N LEU B 4 -11.03 5.96 12.68
CA LEU B 4 -11.29 7.25 12.10
C LEU B 4 -10.79 8.35 13.01
N GLU B 5 -11.20 8.30 14.27
CA GLU B 5 -10.79 9.29 15.24
C GLU B 5 -9.28 9.23 15.45
N HIS B 6 -8.72 8.03 15.52
CA HIS B 6 -7.27 7.93 15.64
C HIS B 6 -6.57 8.62 14.46
N ASN B 7 -7.10 8.39 13.26
CA ASN B 7 -6.49 8.97 12.05
C ASN B 7 -6.47 10.50 12.06
N ILE B 8 -7.56 11.14 12.48
CA ILE B 8 -7.65 12.57 12.35
C ILE B 8 -6.71 13.25 13.34
N GLY B 9 -6.27 12.49 14.34
CA GLY B 9 -5.30 12.98 15.32
C GLY B 9 -3.84 12.78 14.91
N LEU B 10 -3.59 12.09 13.80
CA LEU B 10 -2.22 11.79 13.37
C LEU B 10 -1.45 13.06 12.96
N SER B 11 -0.13 13.07 13.21
CA SER B 11 0.72 14.23 12.90
C SER B 11 1.97 13.79 12.16
N ILE B 12 2.34 14.50 11.11
CA ILE B 12 3.66 14.29 10.51
C ILE B 12 4.77 15.07 11.22
N PHE B 13 4.47 15.76 12.30
CA PHE B 13 5.44 16.68 12.87
C PHE B 13 6.00 16.21 14.21
N GLU B 14 5.68 14.99 14.62
CA GLU B 14 6.11 14.49 15.92
C GLU B 14 7.29 13.55 15.77
N PRO B 15 8.09 13.38 16.83
CA PRO B 15 9.18 12.41 16.73
C PRO B 15 8.64 10.98 16.46
N VAL B 16 9.40 10.18 15.75
CA VAL B 16 9.04 8.76 15.55
C VAL B 16 9.61 7.90 16.67
N ALA B 17 9.08 6.68 16.81
CA ALA B 17 9.63 5.68 17.72
C ALA B 17 11.14 5.54 17.52
N LYS B 18 11.89 5.45 18.62
CA LYS B 18 13.34 5.32 18.53
C LYS B 18 13.78 3.90 18.28
N HIS B 19 12.90 2.93 18.52
CA HIS B 19 13.29 1.52 18.38
C HIS B 19 12.34 0.74 17.50
N ARG B 20 12.84 0.31 16.36
CA ARG B 20 12.02 -0.31 15.35
C ARG B 20 11.53 -1.70 15.81
N ALA B 21 10.22 -1.90 15.77
CA ALA B 21 9.64 -3.16 16.25
C ALA B 21 9.58 -4.27 15.17
N ASN B 22 9.31 -3.89 13.92
CA ASN B 22 9.15 -4.88 12.86
C ASN B 22 10.50 -5.32 12.27
N ARG B 23 10.49 -6.50 11.64
CA ARG B 23 11.74 -7.14 11.24
C ARG B 23 11.86 -7.30 9.73
N ILE B 24 13.07 -7.23 9.21
CA ILE B 24 13.28 -7.26 7.77
C ILE B 24 14.04 -8.50 7.32
N VAL B 25 13.44 -9.22 6.36
CA VAL B 25 14.04 -10.40 5.78
C VAL B 25 14.60 -10.01 4.40
N CYS B 26 15.88 -10.26 4.18
CA CYS B 26 16.51 -9.93 2.90
C CYS B 26 16.95 -11.18 2.18
N THR B 27 16.67 -11.26 0.89
CA THR B 27 17.17 -12.37 0.09
C THR B 27 18.57 -12.07 -0.41
N ILE B 28 19.49 -13.01 -0.18
CA ILE B 28 20.87 -12.87 -0.62
C ILE B 28 21.06 -13.31 -2.08
N GLY B 29 21.86 -12.55 -2.82
CA GLY B 29 22.27 -12.91 -4.18
C GLY B 29 23.56 -12.23 -4.56
N PRO B 30 23.80 -12.04 -5.87
CA PRO B 30 25.06 -11.42 -6.31
C PRO B 30 25.28 -10.01 -5.78
N SER B 31 24.24 -9.18 -5.66
CA SER B 31 24.43 -7.83 -5.07
C SER B 31 24.96 -7.90 -3.65
N THR B 32 24.69 -8.99 -2.94
CA THR B 32 24.73 -8.94 -1.48
C THR B 32 25.44 -10.12 -0.78
N GLN B 33 26.12 -10.98 -1.51
CA GLN B 33 26.67 -12.19 -0.90
C GLN B 33 28.00 -12.03 -0.16
N SER B 34 28.79 -11.01 -0.51
CA SER B 34 30.12 -10.84 0.13
C SER B 34 29.96 -10.46 1.60
N VAL B 35 30.97 -10.78 2.39
CA VAL B 35 30.98 -10.51 3.82
C VAL B 35 30.74 -9.01 4.06
N GLU B 36 31.37 -8.19 3.22
CA GLU B 36 31.25 -6.76 3.32
C GLU B 36 29.83 -6.28 2.93
N ALA B 37 29.26 -6.83 1.85
CA ALA B 37 27.89 -6.49 1.48
C ALA B 37 26.90 -6.92 2.58
N LEU B 38 27.15 -8.06 3.21
CA LEU B 38 26.29 -8.57 4.28
C LEU B 38 26.34 -7.69 5.52
N LYS B 39 27.55 -7.23 5.88
CA LYS B 39 27.73 -6.29 6.96
C LYS B 39 26.89 -5.04 6.74
N ASN B 40 26.96 -4.51 5.53
CA ASN B 40 26.16 -3.34 5.22
C ASN B 40 24.65 -3.60 5.24
N LEU B 41 24.24 -4.77 4.79
CA LEU B 41 22.84 -5.14 4.89
C LEU B 41 22.43 -5.15 6.34
N MET B 42 23.25 -5.77 7.18
CA MET B 42 22.93 -5.89 8.58
C MET B 42 22.85 -4.51 9.25
N LYS B 43 23.88 -3.69 9.05
CA LYS B 43 23.87 -2.31 9.54
C LYS B 43 22.61 -1.58 9.05
N SER B 44 22.15 -1.93 7.87
CA SER B 44 21.05 -1.23 7.22
C SER B 44 19.71 -1.65 7.82
N GLY B 45 19.64 -2.86 8.36
CA GLY B 45 18.43 -3.34 9.01
C GLY B 45 18.01 -4.79 8.77
N MET B 46 18.83 -5.58 8.07
CA MET B 46 18.54 -7.01 7.92
C MET B 46 18.56 -7.74 9.25
N SER B 47 17.50 -8.52 9.52
CA SER B 47 17.49 -9.46 10.66
C SER B 47 17.58 -10.92 10.24
N VAL B 48 17.09 -11.22 9.04
CA VAL B 48 17.10 -12.60 8.55
C VAL B 48 17.59 -12.64 7.12
N ALA B 49 18.58 -13.49 6.86
CA ALA B 49 19.08 -13.68 5.51
C ALA B 49 18.35 -14.87 4.88
N ARG B 50 17.68 -14.63 3.76
CA ARG B 50 16.98 -15.71 3.06
C ARG B 50 17.80 -16.27 1.91
N MET B 51 17.98 -17.59 1.89
CA MET B 51 18.59 -18.26 0.74
C MET B 51 17.52 -18.89 -0.12
N ASN B 52 17.50 -18.52 -1.40
CA ASN B 52 16.46 -19.01 -2.29
C ASN B 52 16.98 -20.22 -3.05
N PHE B 53 16.54 -21.40 -2.65
CA PHE B 53 17.08 -22.64 -3.21
C PHE B 53 16.40 -23.04 -4.50
N SER B 54 15.56 -22.16 -5.02
CA SER B 54 15.17 -22.27 -6.42
C SER B 54 16.37 -22.15 -7.37
N HIS B 55 17.46 -21.52 -6.91
CA HIS B 55 18.65 -21.30 -7.78
C HIS B 55 19.86 -21.53 -6.96
N GLY B 56 20.97 -21.82 -7.63
CA GLY B 56 22.26 -21.92 -6.97
C GLY B 56 22.51 -23.30 -6.43
N SER B 57 23.78 -23.68 -6.36
CA SER B 57 24.18 -24.98 -5.87
C SER B 57 24.37 -24.95 -4.37
N HIS B 58 24.63 -26.12 -3.79
CA HIS B 58 24.89 -26.22 -2.38
C HIS B 58 26.13 -25.43 -2.00
N GLU B 59 27.09 -25.36 -2.91
CA GLU B 59 28.33 -24.62 -2.65
C GLU B 59 28.05 -23.11 -2.59
N TYR B 60 27.20 -22.64 -3.50
CA TYR B 60 26.79 -21.23 -3.51
C TYR B 60 26.14 -20.82 -2.18
N HIS B 61 25.24 -21.66 -1.69
CA HIS B 61 24.52 -21.34 -0.45
C HIS B 61 25.38 -21.48 0.78
N GLN B 62 26.31 -22.44 0.72
CA GLN B 62 27.32 -22.58 1.77
C GLN B 62 28.14 -21.30 1.91
N THR B 63 28.50 -20.69 0.79
CA THR B 63 29.17 -19.39 0.81
C THR B 63 28.30 -18.33 1.50
N THR B 64 27.03 -18.27 1.13
CA THR B 64 26.07 -17.43 1.84
C THR B 64 26.05 -17.67 3.35
N ILE B 65 25.90 -18.93 3.75
CA ILE B 65 25.89 -19.27 5.17
C ILE B 65 27.15 -18.78 5.89
N ASN B 66 28.32 -19.16 5.38
CA ASN B 66 29.58 -18.75 5.99
C ASN B 66 29.76 -17.23 6.06
N ASN B 67 29.43 -16.55 4.97
CA ASN B 67 29.60 -15.09 4.91
C ASN B 67 28.64 -14.35 5.88
N VAL B 68 27.42 -14.88 6.00
CA VAL B 68 26.46 -14.35 6.99
C VAL B 68 27.00 -14.50 8.40
N ARG B 69 27.48 -15.69 8.75
CA ARG B 69 27.99 -15.91 10.09
C ARG B 69 29.23 -15.03 10.38
N ALA B 70 30.09 -14.85 9.37
CA ALA B 70 31.29 -14.04 9.54
C ALA B 70 30.95 -12.55 9.73
N ALA B 71 30.04 -12.05 8.91
CA ALA B 71 29.54 -10.70 9.00
C ALA B 71 28.88 -10.41 10.35
N ALA B 72 28.04 -11.34 10.81
CA ALA B 72 27.31 -11.15 12.06
C ALA B 72 28.25 -11.19 13.27
N ALA B 73 29.23 -12.08 13.22
CA ALA B 73 30.25 -12.16 14.28
C ALA B 73 31.08 -10.86 14.37
N GLU B 74 31.39 -10.25 13.23
CA GLU B 74 32.16 -8.99 13.25
C GLU B 74 31.35 -7.89 13.89
N LEU B 75 30.04 -7.92 13.66
CA LEU B 75 29.15 -6.91 14.21
C LEU B 75 28.62 -7.26 15.59
N GLY B 76 28.82 -8.51 16.01
CA GLY B 76 28.23 -8.97 17.28
C GLY B 76 26.72 -9.12 17.21
N LEU B 77 26.20 -9.51 16.04
CA LEU B 77 24.75 -9.70 15.86
C LEU B 77 24.40 -11.17 15.79
N HIS B 78 23.15 -11.52 16.07
CA HIS B 78 22.67 -12.86 15.83
C HIS B 78 21.64 -12.85 14.72
N ILE B 79 22.05 -13.26 13.54
CA ILE B 79 21.21 -13.10 12.35
C ILE B 79 20.65 -14.47 11.95
N GLY B 80 19.34 -14.53 11.71
CA GLY B 80 18.70 -15.79 11.36
C GLY B 80 19.03 -16.19 9.96
N ILE B 81 19.04 -17.49 9.70
CA ILE B 81 19.26 -17.95 8.36
C ILE B 81 18.09 -18.79 7.88
N ALA B 82 17.49 -18.37 6.76
CA ALA B 82 16.32 -19.04 6.26
C ALA B 82 16.64 -19.77 4.97
N LEU B 83 16.20 -21.03 4.88
CA LEU B 83 16.30 -21.78 3.62
C LEU B 83 14.92 -21.82 2.97
N ASP B 84 14.82 -21.27 1.77
CA ASP B 84 13.56 -21.17 1.09
C ASP B 84 13.57 -22.20 -0.02
N THR B 85 12.69 -23.19 0.09
CA THR B 85 12.75 -24.37 -0.79
C THR B 85 12.30 -24.03 -2.20
N LYS B 86 12.88 -24.71 -3.18
CA LYS B 86 12.31 -24.74 -4.52
C LYS B 86 10.85 -25.22 -4.48
N GLY B 87 10.62 -26.43 -3.98
CA GLY B 87 9.28 -27.00 -3.96
C GLY B 87 8.77 -27.35 -5.34
N PRO B 88 7.44 -27.47 -5.47
CA PRO B 88 6.89 -28.00 -6.71
C PRO B 88 6.80 -26.91 -7.80
N GLU B 89 7.93 -26.28 -8.13
CA GLU B 89 7.98 -25.27 -9.19
C GLU B 89 7.86 -25.91 -10.56
N ILE B 90 7.21 -25.23 -11.50
CA ILE B 90 7.21 -25.66 -12.89
C ILE B 90 7.84 -24.55 -13.73
N ARG B 91 8.70 -24.92 -14.67
CA ARG B 91 9.39 -23.95 -15.51
C ARG B 91 9.40 -24.36 -16.98
N THR B 92 9.55 -23.39 -17.88
CA THR B 92 9.94 -23.67 -19.27
C THR B 92 11.41 -24.10 -19.32
N GLY B 93 11.80 -24.65 -20.47
CA GLY B 93 13.19 -24.93 -20.75
C GLY B 93 13.94 -23.71 -21.25
N LEU B 94 15.04 -23.94 -21.95
CA LEU B 94 15.81 -22.87 -22.61
C LEU B 94 15.24 -22.61 -24.01
N PHE B 95 15.57 -21.47 -24.58
CA PHE B 95 15.25 -21.19 -25.99
C PHE B 95 16.49 -21.00 -26.87
N LYS B 96 16.38 -21.46 -28.12
CA LYS B 96 17.23 -20.97 -29.21
C LYS B 96 17.49 -19.46 -29.06
N ASP B 97 18.74 -19.11 -28.80
CA ASP B 97 19.13 -17.70 -28.73
C ASP B 97 18.84 -17.08 -27.38
N GLY B 98 18.04 -17.77 -26.56
CA GLY B 98 17.83 -17.37 -25.17
C GLY B 98 16.66 -16.42 -24.97
N GLU B 99 16.03 -16.02 -26.08
CA GLU B 99 14.69 -15.44 -26.04
C GLU B 99 13.90 -15.75 -27.31
N VAL B 100 12.57 -15.75 -27.17
CA VAL B 100 11.67 -15.80 -28.31
C VAL B 100 10.50 -14.84 -28.05
N SER B 101 9.83 -14.40 -29.10
CA SER B 101 8.76 -13.42 -28.96
C SER B 101 7.45 -13.93 -29.55
N PHE B 102 6.35 -13.67 -28.86
CA PHE B 102 5.06 -14.20 -29.27
C PHE B 102 4.07 -13.07 -29.54
N ALA B 103 3.22 -13.27 -30.53
CA ALA B 103 2.11 -12.35 -30.80
C ALA B 103 0.76 -13.01 -30.52
N PRO B 104 -0.23 -12.21 -30.09
CA PRO B 104 -1.58 -12.73 -29.86
C PRO B 104 -2.10 -13.52 -31.07
N GLY B 105 -2.24 -14.83 -30.91
CA GLY B 105 -2.75 -15.67 -31.98
C GLY B 105 -1.72 -16.63 -32.53
N ASP B 106 -0.45 -16.43 -32.18
CA ASP B 106 0.58 -17.44 -32.43
C ASP B 106 0.16 -18.79 -31.87
N ILE B 107 0.21 -19.82 -32.71
CA ILE B 107 0.04 -21.21 -32.23
C ILE B 107 1.39 -21.80 -31.84
N VAL B 108 1.45 -22.40 -30.65
CA VAL B 108 2.71 -22.90 -30.08
C VAL B 108 2.48 -24.23 -29.38
N CYS B 109 3.36 -25.21 -29.65
CA CYS B 109 3.32 -26.48 -28.92
C CYS B 109 4.24 -26.46 -27.68
N VAL B 110 3.69 -26.87 -26.56
CA VAL B 110 4.49 -27.08 -25.37
C VAL B 110 4.61 -28.58 -25.09
N THR B 111 5.82 -29.02 -24.77
CA THR B 111 6.10 -30.43 -24.73
C THR B 111 6.82 -30.80 -23.44
N THR B 112 6.53 -32.00 -22.93
CA THR B 112 7.19 -32.51 -21.72
C THR B 112 8.43 -33.31 -22.07
N ASP B 113 8.64 -33.47 -23.36
CA ASP B 113 9.74 -34.27 -23.87
C ASP B 113 11.05 -33.51 -23.73
N PRO B 114 11.96 -34.02 -22.87
CA PRO B 114 13.19 -33.31 -22.49
C PRO B 114 14.14 -33.11 -23.65
N ALA B 115 13.95 -33.87 -24.72
CA ALA B 115 14.67 -33.65 -25.98
C ALA B 115 14.62 -32.18 -26.41
N TYR B 116 13.54 -31.49 -26.07
CA TYR B 116 13.37 -30.10 -26.50
C TYR B 116 13.84 -29.07 -25.45
N GLU B 117 14.44 -29.56 -24.37
CA GLU B 117 14.70 -28.72 -23.20
C GLU B 117 15.61 -27.54 -23.55
N LYS B 118 16.59 -27.79 -24.42
CA LYS B 118 17.64 -26.81 -24.68
C LYS B 118 17.32 -25.92 -25.88
N VAL B 119 16.41 -26.37 -26.74
CA VAL B 119 16.26 -25.80 -28.09
C VAL B 119 14.84 -25.27 -28.34
N GLY B 120 14.27 -24.61 -27.34
CA GLY B 120 12.92 -24.07 -27.48
C GLY B 120 12.82 -23.02 -28.57
N THR B 121 11.67 -23.00 -29.27
CA THR B 121 11.41 -21.97 -30.27
C THR B 121 10.01 -21.42 -30.18
N LYS B 122 9.70 -20.49 -31.08
CA LYS B 122 8.42 -19.82 -31.09
C LYS B 122 7.28 -20.80 -31.33
N GLU B 123 7.58 -21.94 -31.96
CA GLU B 123 6.55 -22.91 -32.31
C GLU B 123 6.55 -24.16 -31.41
N LYS B 124 7.66 -24.41 -30.71
CA LYS B 124 7.72 -25.55 -29.81
C LYS B 124 8.76 -25.37 -28.72
N PHE B 125 8.33 -25.57 -27.46
CA PHE B 125 9.26 -25.53 -26.33
C PHE B 125 8.83 -26.42 -25.15
N TYR B 126 9.78 -26.61 -24.24
CA TYR B 126 9.66 -27.60 -23.21
C TYR B 126 9.19 -26.99 -21.89
N ILE B 127 8.34 -27.73 -21.17
CA ILE B 127 7.96 -27.42 -19.79
C ILE B 127 8.31 -28.63 -18.91
N ASP B 128 8.88 -28.38 -17.73
CA ASP B 128 9.53 -29.45 -16.97
C ASP B 128 8.60 -30.20 -16.02
N TYR B 129 7.33 -30.28 -16.40
CA TYR B 129 6.35 -30.98 -15.59
C TYR B 129 5.74 -32.13 -16.42
N PRO B 130 6.18 -33.38 -16.14
CA PRO B 130 5.90 -34.51 -17.03
C PRO B 130 4.41 -34.85 -17.11
N GLN B 131 3.63 -34.48 -16.10
CA GLN B 131 2.20 -34.78 -16.12
C GLN B 131 1.35 -33.64 -16.71
N LEU B 132 2.00 -32.70 -17.39
CA LEU B 132 1.30 -31.58 -18.01
C LEU B 132 0.00 -31.97 -18.70
N THR B 133 0.03 -32.99 -19.56
CA THR B 133 -1.14 -33.30 -20.40
C THR B 133 -2.26 -34.03 -19.65
N ASN B 134 -1.97 -34.52 -18.44
CA ASN B 134 -3.03 -34.94 -17.52
C ASN B 134 -3.61 -33.76 -16.75
N ALA B 135 -2.81 -32.72 -16.56
CA ALA B 135 -3.19 -31.64 -15.63
C ALA B 135 -4.03 -30.55 -16.30
N VAL B 136 -3.74 -30.25 -17.55
CA VAL B 136 -4.49 -29.21 -18.24
C VAL B 136 -5.11 -29.68 -19.57
N ARG B 137 -6.43 -29.51 -19.67
CA ARG B 137 -7.24 -30.02 -20.78
C ARG B 137 -7.40 -28.93 -21.84
N PRO B 138 -7.86 -29.30 -23.04
CA PRO B 138 -8.24 -28.28 -24.03
C PRO B 138 -9.27 -27.31 -23.42
N GLY B 139 -9.05 -26.01 -23.60
CA GLY B 139 -9.89 -24.98 -22.95
C GLY B 139 -9.24 -24.37 -21.72
N GLY B 140 -8.34 -25.13 -21.09
CA GLY B 140 -7.57 -24.63 -19.96
C GLY B 140 -6.51 -23.62 -20.37
N SER B 141 -5.94 -22.95 -19.38
CA SER B 141 -4.96 -21.90 -19.63
C SER B 141 -3.64 -22.22 -18.93
N ILE B 142 -2.53 -21.94 -19.60
CA ILE B 142 -1.22 -22.02 -18.99
C ILE B 142 -0.68 -20.61 -18.79
N TYR B 143 -0.22 -20.34 -17.57
CA TYR B 143 0.28 -19.03 -17.21
C TYR B 143 1.79 -19.06 -17.21
N VAL B 144 2.40 -18.11 -17.89
CA VAL B 144 3.85 -18.13 -18.12
C VAL B 144 4.48 -16.82 -17.65
N ASP B 145 5.57 -16.94 -16.87
CA ASP B 145 6.39 -15.78 -16.52
C ASP B 145 5.63 -14.81 -15.61
N ASP B 146 5.51 -15.16 -14.33
CA ASP B 146 4.70 -14.41 -13.38
C ASP B 146 3.32 -14.11 -13.94
N GLY B 147 2.76 -15.06 -14.68
CA GLY B 147 1.41 -14.90 -15.23
C GLY B 147 1.26 -13.77 -16.22
N VAL B 148 2.37 -13.25 -16.75
CA VAL B 148 2.32 -12.16 -17.74
C VAL B 148 1.76 -12.60 -19.10
N MET B 149 2.01 -13.86 -19.47
CA MET B 149 1.51 -14.39 -20.73
C MET B 149 0.65 -15.61 -20.46
N THR B 150 -0.51 -15.65 -21.11
CA THR B 150 -1.36 -16.82 -20.99
C THR B 150 -1.60 -17.54 -22.31
N LEU B 151 -1.59 -18.87 -22.25
CA LEU B 151 -1.87 -19.71 -23.42
C LEU B 151 -3.16 -20.46 -23.17
N ARG B 152 -4.09 -20.37 -24.11
CA ARG B 152 -5.23 -21.27 -24.12
C ARG B 152 -4.82 -22.58 -24.79
N VAL B 153 -5.11 -23.70 -24.14
CA VAL B 153 -4.83 -24.98 -24.76
C VAL B 153 -5.87 -25.25 -25.85
N VAL B 154 -5.41 -25.45 -27.08
CA VAL B 154 -6.32 -25.72 -28.19
C VAL B 154 -6.62 -27.21 -28.26
N SER B 155 -5.58 -28.04 -28.24
CA SER B 155 -5.76 -29.48 -28.21
C SER B 155 -4.58 -30.22 -27.58
N LYS B 156 -4.81 -31.49 -27.29
CA LYS B 156 -3.75 -32.37 -26.84
C LYS B 156 -3.25 -33.17 -28.04
N GLU B 157 -2.07 -32.82 -28.54
CA GLU B 157 -1.50 -33.51 -29.71
C GLU B 157 -1.14 -34.94 -29.33
N ASP B 158 -0.59 -35.11 -28.13
CA ASP B 158 -0.40 -36.45 -27.60
C ASP B 158 -0.01 -36.34 -26.14
N ASP B 159 0.42 -37.46 -25.56
CA ASP B 159 0.68 -37.55 -24.13
C ASP B 159 1.82 -36.65 -23.69
N ARG B 160 2.59 -36.16 -24.66
CA ARG B 160 3.75 -35.33 -24.36
C ARG B 160 3.56 -33.87 -24.81
N THR B 161 2.46 -33.56 -25.52
CA THR B 161 2.42 -32.31 -26.28
C THR B 161 1.03 -31.70 -26.31
N LEU B 162 0.93 -30.41 -25.96
CA LEU B 162 -0.30 -29.66 -26.16
C LEU B 162 -0.10 -28.56 -27.20
N LYS B 163 -1.07 -28.41 -28.10
CA LYS B 163 -1.09 -27.25 -29.00
C LYS B 163 -1.82 -26.08 -28.35
N CYS B 164 -1.17 -24.91 -28.32
CA CYS B 164 -1.65 -23.78 -27.54
C CYS B 164 -1.80 -22.50 -28.38
N HIS B 165 -2.78 -21.68 -28.01
CA HIS B 165 -3.01 -20.37 -28.60
C HIS B 165 -2.48 -19.28 -27.68
N VAL B 166 -1.52 -18.49 -28.16
CA VAL B 166 -1.00 -17.36 -27.40
C VAL B 166 -2.02 -16.23 -27.33
N ASN B 167 -2.35 -15.81 -26.11
CA ASN B 167 -3.42 -14.84 -25.91
C ASN B 167 -2.97 -13.40 -25.93
N ASN B 168 -1.70 -13.16 -25.66
CA ASN B 168 -1.18 -11.81 -25.64
C ASN B 168 0.28 -11.75 -26.03
N HIS B 169 0.73 -10.56 -26.40
CA HIS B 169 2.11 -10.35 -26.78
C HIS B 169 3.02 -10.44 -25.58
N HIS B 170 4.15 -11.11 -25.75
CA HIS B 170 5.12 -11.23 -24.67
C HIS B 170 6.41 -11.79 -25.18
N ARG B 171 7.51 -11.31 -24.60
CA ARG B 171 8.83 -11.89 -24.86
C ARG B 171 9.19 -12.91 -23.79
N LEU B 172 9.83 -13.99 -24.21
CA LEU B 172 10.11 -15.11 -23.31
C LEU B 172 11.61 -15.41 -23.26
N THR B 173 12.13 -15.54 -22.04
CA THR B 173 13.54 -15.91 -21.87
C THR B 173 13.66 -17.26 -21.17
N ASP B 174 14.89 -17.69 -20.92
CA ASP B 174 15.13 -19.03 -20.41
C ASP B 174 14.43 -19.27 -19.06
N ARG B 175 13.84 -20.45 -18.91
CA ARG B 175 13.50 -20.99 -17.58
C ARG B 175 12.52 -20.10 -16.81
N ARG B 176 11.50 -19.58 -17.50
CA ARG B 176 10.47 -18.78 -16.81
C ARG B 176 9.47 -19.68 -16.08
N GLY B 177 8.76 -19.10 -15.12
CA GLY B 177 7.83 -19.82 -14.31
C GLY B 177 6.56 -20.15 -15.06
N ILE B 178 6.04 -21.35 -14.79
CA ILE B 178 4.70 -21.74 -15.22
C ILE B 178 3.77 -21.85 -14.01
N ASN B 179 2.57 -21.29 -14.12
CA ASN B 179 1.51 -21.57 -13.14
C ASN B 179 0.29 -22.19 -13.83
N LEU B 180 -0.37 -23.10 -13.12
CA LEU B 180 -1.56 -23.76 -13.64
C LEU B 180 -2.69 -23.67 -12.62
N PRO B 181 -3.17 -22.45 -12.32
CA PRO B 181 -4.26 -22.32 -11.37
C PRO B 181 -5.49 -23.08 -11.87
N GLY B 182 -6.20 -23.73 -10.96
CA GLY B 182 -7.44 -24.42 -11.30
C GLY B 182 -7.18 -25.74 -11.99
N CYS B 183 -5.94 -26.21 -11.96
CA CYS B 183 -5.60 -27.56 -12.46
C CYS B 183 -5.22 -28.49 -11.32
N GLU B 184 -5.51 -29.78 -11.50
CA GLU B 184 -4.95 -30.83 -10.65
C GLU B 184 -3.43 -31.00 -10.82
N VAL B 185 -2.66 -30.24 -10.05
CA VAL B 185 -1.21 -30.39 -10.05
C VAL B 185 -0.80 -31.14 -8.79
N ASP B 186 -0.17 -32.30 -8.97
CA ASP B 186 0.05 -33.22 -7.85
C ASP B 186 1.51 -33.52 -7.61
N LEU B 187 2.34 -32.47 -7.63
CA LEU B 187 3.75 -32.59 -7.34
C LEU B 187 3.93 -32.64 -5.83
N PRO B 188 5.00 -33.32 -5.35
CA PRO B 188 5.25 -33.39 -3.90
C PRO B 188 5.60 -32.02 -3.32
N ALA B 189 5.32 -31.83 -2.04
CA ALA B 189 5.82 -30.65 -1.35
C ALA B 189 7.33 -30.78 -1.09
N VAL B 190 7.78 -32.02 -0.89
CA VAL B 190 9.22 -32.33 -0.77
C VAL B 190 9.67 -33.28 -1.89
N SER B 191 10.18 -32.73 -2.97
CA SER B 191 10.82 -33.53 -3.98
C SER B 191 12.14 -34.09 -3.47
N GLU B 192 12.72 -34.99 -4.27
CA GLU B 192 14.06 -35.47 -4.04
C GLU B 192 15.06 -34.31 -3.89
N LYS B 193 14.98 -33.31 -4.78
CA LYS B 193 15.84 -32.13 -4.67
C LYS B 193 15.60 -31.41 -3.34
N ASP B 194 14.33 -31.22 -2.99
CA ASP B 194 13.98 -30.55 -1.74
C ASP B 194 14.56 -31.30 -0.52
N ARG B 195 14.40 -32.62 -0.53
CA ARG B 195 14.89 -33.44 0.57
C ARG B 195 16.39 -33.24 0.81
N LYS B 196 17.17 -33.27 -0.26
CA LYS B 196 18.61 -33.05 -0.12
C LYS B 196 18.92 -31.64 0.35
N ASP B 197 18.19 -30.67 -0.17
CA ASP B 197 18.27 -29.30 0.29
C ASP B 197 17.99 -29.19 1.77
N LEU B 198 16.92 -29.84 2.21
CA LEU B 198 16.51 -29.73 3.60
C LEU B 198 17.55 -30.40 4.49
N GLU B 199 18.06 -31.55 4.05
CA GLU B 199 19.08 -32.26 4.80
C GLU B 199 20.32 -31.42 4.91
N PHE B 200 20.66 -30.76 3.81
CA PHE B 200 21.78 -29.84 3.79
C PHE B 200 21.57 -28.70 4.81
N GLY B 201 20.36 -28.15 4.83
CA GLY B 201 20.01 -27.13 5.81
C GLY B 201 20.22 -27.58 7.23
N VAL B 202 19.78 -28.81 7.54
CA VAL B 202 20.01 -29.34 8.88
C VAL B 202 21.50 -29.51 9.17
N ALA B 203 22.24 -30.11 8.23
CA ALA B 203 23.68 -30.28 8.41
C ALA B 203 24.35 -28.95 8.68
N GLN B 204 23.90 -27.89 8.01
CA GLN B 204 24.55 -26.59 8.15
C GLN B 204 23.91 -25.71 9.23
N GLY B 205 22.93 -26.24 9.97
CA GLY B 205 22.31 -25.49 11.07
C GLY B 205 21.54 -24.22 10.68
N VAL B 206 20.74 -24.29 9.62
CA VAL B 206 19.82 -23.17 9.30
C VAL B 206 18.76 -23.06 10.38
N ASP B 207 18.27 -21.85 10.59
CA ASP B 207 17.36 -21.57 11.69
C ASP B 207 15.90 -21.87 11.34
N MET B 208 15.56 -21.77 10.06
CA MET B 208 14.15 -21.85 9.65
C MET B 208 14.03 -22.23 8.19
N ILE B 209 12.92 -22.86 7.85
CA ILE B 209 12.65 -23.22 6.48
C ILE B 209 11.49 -22.34 6.03
N PHE B 210 11.63 -21.71 4.87
CA PHE B 210 10.45 -21.17 4.16
C PHE B 210 9.96 -22.20 3.15
N ALA B 211 8.83 -22.83 3.45
CA ALA B 211 8.41 -24.04 2.71
C ALA B 211 7.45 -23.65 1.61
N SER B 212 7.92 -23.74 0.36
CA SER B 212 7.19 -23.21 -0.76
C SER B 212 5.91 -24.02 -1.06
N PHE B 213 4.85 -23.33 -1.49
CA PHE B 213 3.63 -23.99 -2.01
C PHE B 213 2.92 -24.94 -1.04
N ILE B 214 2.98 -24.64 0.26
CA ILE B 214 2.31 -25.51 1.22
C ILE B 214 0.78 -25.51 1.00
N ARG B 215 0.20 -26.69 0.80
CA ARG B 215 -1.23 -26.79 0.52
C ARG B 215 -2.02 -27.28 1.73
N THR B 216 -1.40 -28.10 2.57
CA THR B 216 -2.13 -28.84 3.62
C THR B 216 -1.26 -28.95 4.87
N ALA B 217 -1.90 -29.18 6.03
CA ALA B 217 -1.17 -29.56 7.24
C ALA B 217 -0.27 -30.75 6.97
N GLU B 218 -0.78 -31.72 6.21
CA GLU B 218 -0.04 -32.95 5.93
C GLU B 218 1.33 -32.64 5.25
N GLN B 219 1.33 -31.69 4.31
CA GLN B 219 2.58 -31.26 3.70
C GLN B 219 3.56 -30.59 4.66
N VAL B 220 3.05 -29.84 5.62
CA VAL B 220 3.90 -29.30 6.69
C VAL B 220 4.61 -30.43 7.44
N ARG B 221 3.85 -31.49 7.79
CA ARG B 221 4.40 -32.68 8.43
C ARG B 221 5.43 -33.43 7.57
N GLU B 222 5.23 -33.43 6.26
CA GLU B 222 6.24 -34.01 5.36
C GLU B 222 7.55 -33.24 5.42
N VAL B 223 7.46 -31.90 5.49
CA VAL B 223 8.68 -31.09 5.59
C VAL B 223 9.37 -31.36 6.91
N ARG B 224 8.59 -31.44 8.00
CA ARG B 224 9.13 -31.75 9.31
C ARG B 224 9.81 -33.12 9.32
N ALA B 225 9.15 -34.12 8.73
CA ALA B 225 9.74 -35.47 8.63
C ALA B 225 11.03 -35.46 7.83
N ALA B 226 11.06 -34.69 6.74
CA ALA B 226 12.28 -34.58 5.94
C ALA B 226 13.44 -33.93 6.70
N LEU B 227 13.13 -33.10 7.67
CA LEU B 227 14.16 -32.45 8.47
C LEU B 227 14.72 -33.43 9.50
N GLY B 228 13.91 -34.41 9.88
CA GLY B 228 14.40 -35.57 10.59
C GLY B 228 14.79 -35.23 12.02
N GLU B 229 15.53 -36.14 12.64
CA GLU B 229 15.74 -36.12 14.09
C GLU B 229 16.52 -34.88 14.50
N LYS B 230 17.50 -34.53 13.71
CA LYS B 230 18.36 -33.43 14.06
C LYS B 230 17.77 -32.08 13.69
N GLY B 231 16.65 -32.07 12.95
CA GLY B 231 16.04 -30.81 12.49
C GLY B 231 14.77 -30.41 13.24
N LYS B 232 14.56 -30.97 14.42
CA LYS B 232 13.29 -30.82 15.13
C LYS B 232 13.01 -29.39 15.63
N ASP B 233 14.06 -28.61 15.88
CA ASP B 233 13.91 -27.27 16.45
C ASP B 233 14.02 -26.15 15.41
N ILE B 234 14.16 -26.55 14.16
CA ILE B 234 14.12 -25.62 13.05
C ILE B 234 12.69 -25.17 12.75
N LEU B 235 12.45 -23.86 12.66
CA LEU B 235 11.08 -23.36 12.40
C LEU B 235 10.66 -23.73 11.00
N ILE B 236 9.40 -24.12 10.84
CA ILE B 236 8.83 -24.23 9.51
C ILE B 236 7.86 -23.08 9.30
N ILE B 237 8.23 -22.17 8.41
CA ILE B 237 7.35 -21.07 8.03
C ILE B 237 6.70 -21.49 6.70
N SER B 238 5.39 -21.76 6.72
CA SER B 238 4.74 -22.24 5.50
C SER B 238 4.44 -21.05 4.57
N LYS B 239 4.81 -21.17 3.30
CA LYS B 239 4.47 -20.11 2.37
C LYS B 239 3.10 -20.36 1.74
N ILE B 240 2.20 -19.37 1.83
CA ILE B 240 0.88 -19.53 1.26
C ILE B 240 0.86 -18.86 -0.10
N GLU B 241 0.74 -19.66 -1.15
CA GLU B 241 0.88 -19.13 -2.51
C GLU B 241 0.02 -19.86 -3.55
N ASN B 242 -1.00 -20.56 -3.08
CA ASN B 242 -2.04 -21.05 -3.97
C ASN B 242 -3.40 -21.05 -3.30
N HIS B 243 -4.42 -21.35 -4.09
CA HIS B 243 -5.81 -21.36 -3.63
C HIS B 243 -5.99 -22.28 -2.45
N GLN B 244 -5.45 -23.48 -2.56
CA GLN B 244 -5.66 -24.51 -1.57
C GLN B 244 -4.98 -24.16 -0.23
N GLY B 245 -3.80 -23.54 -0.30
CA GLY B 245 -3.13 -23.02 0.90
C GLY B 245 -3.96 -21.99 1.66
N VAL B 246 -4.59 -21.08 0.92
CA VAL B 246 -5.58 -20.15 1.50
C VAL B 246 -6.77 -20.88 2.11
N GLN B 247 -7.38 -21.80 1.36
CA GLN B 247 -8.52 -22.60 1.87
C GLN B 247 -8.15 -23.25 3.20
N ASN B 248 -6.96 -23.84 3.25
CA ASN B 248 -6.56 -24.68 4.40
C ASN B 248 -5.80 -23.88 5.45
N ILE B 249 -5.93 -22.55 5.40
CA ILE B 249 -5.10 -21.68 6.24
C ILE B 249 -5.12 -22.08 7.75
N ASP B 250 -6.29 -22.45 8.27
CA ASP B 250 -6.38 -22.74 9.70
C ASP B 250 -5.50 -23.94 10.07
N SER B 251 -5.63 -25.06 9.34
CA SER B 251 -4.87 -26.25 9.73
C SER B 251 -3.39 -26.08 9.35
N ILE B 252 -3.12 -25.24 8.35
CA ILE B 252 -1.74 -24.96 8.00
C ILE B 252 -1.07 -24.12 9.08
N ILE B 253 -1.76 -23.10 9.56
CA ILE B 253 -1.24 -22.33 10.67
C ILE B 253 -1.01 -23.22 11.91
N GLU B 254 -1.97 -24.11 12.20
CA GLU B 254 -1.85 -24.88 13.43
C GLU B 254 -0.64 -25.81 13.37
N ALA B 255 -0.30 -26.27 12.16
CA ALA B 255 0.83 -27.22 11.99
C ALA B 255 2.21 -26.53 11.92
N SER B 256 2.23 -25.26 11.51
CA SER B 256 3.49 -24.56 11.20
C SER B 256 3.99 -23.78 12.43
N ASN B 257 5.22 -23.28 12.36
CA ASN B 257 5.69 -22.30 13.34
C ASN B 257 5.34 -20.86 12.98
N GLY B 258 5.00 -20.65 11.72
CA GLY B 258 4.68 -19.31 11.22
C GLY B 258 4.32 -19.39 9.76
N ILE B 259 4.06 -18.23 9.15
CA ILE B 259 3.51 -18.18 7.79
C ILE B 259 4.22 -17.06 7.01
N MET B 260 4.46 -17.30 5.73
CA MET B 260 4.76 -16.24 4.79
C MET B 260 3.60 -16.09 3.82
N VAL B 261 3.07 -14.87 3.69
CA VAL B 261 2.15 -14.54 2.60
C VAL B 261 2.96 -14.27 1.35
N ALA B 262 3.04 -15.29 0.51
CA ALA B 262 3.98 -15.27 -0.60
C ALA B 262 3.26 -14.74 -1.83
N ARG B 263 3.25 -13.40 -1.95
CA ARG B 263 2.23 -12.72 -2.74
C ARG B 263 2.46 -12.89 -4.25
N GLY B 264 3.70 -13.22 -4.62
CA GLY B 264 4.08 -13.41 -6.03
C GLY B 264 3.33 -14.56 -6.71
N ASP B 265 3.64 -15.80 -6.32
CA ASP B 265 2.81 -16.92 -6.77
C ASP B 265 1.31 -16.80 -6.41
N LEU B 266 1.01 -16.30 -5.22
CA LEU B 266 -0.38 -16.18 -4.81
C LEU B 266 -1.20 -15.36 -5.83
N GLY B 267 -0.60 -14.26 -6.29
CA GLY B 267 -1.31 -13.32 -7.17
C GLY B 267 -1.37 -13.79 -8.62
N VAL B 268 -0.79 -14.94 -8.90
CA VAL B 268 -0.96 -15.59 -10.17
C VAL B 268 -1.93 -16.76 -10.00
N GLU B 269 -1.83 -17.46 -8.87
CA GLU B 269 -2.72 -18.59 -8.58
C GLU B 269 -4.16 -18.17 -8.31
N ILE B 270 -4.37 -16.98 -7.73
CA ILE B 270 -5.73 -16.45 -7.55
C ILE B 270 -5.78 -15.05 -8.15
N PRO B 271 -6.98 -14.49 -8.34
CA PRO B 271 -6.96 -13.19 -9.02
C PRO B 271 -6.15 -12.17 -8.20
N ALA B 272 -5.32 -11.37 -8.87
CA ALA B 272 -4.36 -10.51 -8.17
C ALA B 272 -5.07 -9.60 -7.13
N GLU B 273 -6.24 -9.08 -7.51
CA GLU B 273 -6.98 -8.21 -6.62
C GLU B 273 -7.44 -8.86 -5.31
N LYS B 274 -7.41 -10.18 -5.23
CA LYS B 274 -7.85 -10.89 -4.04
C LYS B 274 -6.72 -11.09 -3.06
N VAL B 275 -5.50 -10.82 -3.50
CA VAL B 275 -4.34 -10.93 -2.61
C VAL B 275 -4.44 -9.98 -1.41
N CYS B 276 -5.03 -8.81 -1.62
CA CYS B 276 -5.12 -7.82 -0.56
C CYS B 276 -6.01 -8.32 0.61
N VAL B 277 -7.05 -9.06 0.26
CA VAL B 277 -7.95 -9.69 1.23
C VAL B 277 -7.35 -10.95 1.91
N ALA B 278 -6.77 -11.85 1.11
CA ALA B 278 -5.99 -12.97 1.66
C ALA B 278 -4.96 -12.50 2.67
N GLN B 279 -4.20 -11.48 2.31
CA GLN B 279 -3.15 -10.95 3.18
C GLN B 279 -3.73 -10.53 4.53
N MET B 280 -4.78 -9.71 4.51
CA MET B 280 -5.39 -9.22 5.74
C MET B 280 -5.85 -10.37 6.61
N CYS B 281 -6.55 -11.30 5.98
CA CYS B 281 -7.05 -12.49 6.64
C CYS B 281 -5.93 -13.33 7.25
N ILE B 282 -4.92 -13.66 6.44
CA ILE B 282 -3.87 -14.58 6.90
C ILE B 282 -3.06 -13.96 8.04
N ILE B 283 -2.70 -12.70 7.89
CA ILE B 283 -1.90 -12.02 8.91
C ILE B 283 -2.62 -11.98 10.27
N SER B 284 -3.88 -11.59 10.25
CA SER B 284 -4.69 -11.52 11.48
C SER B 284 -4.88 -12.90 12.12
N LYS B 285 -5.05 -13.94 11.32
CA LYS B 285 -5.15 -15.29 11.87
C LYS B 285 -3.85 -15.70 12.58
N CYS B 286 -2.70 -15.30 12.03
CA CYS B 286 -1.42 -15.53 12.69
C CYS B 286 -1.28 -14.72 13.99
N ASN B 287 -1.73 -13.44 13.96
CA ASN B 287 -1.65 -12.59 15.15
C ASN B 287 -2.46 -13.22 16.29
N VAL B 288 -3.66 -13.71 15.97
CA VAL B 288 -4.54 -14.25 17.01
C VAL B 288 -3.94 -15.44 17.77
N VAL B 289 -3.23 -16.31 17.05
CA VAL B 289 -2.58 -17.47 17.69
C VAL B 289 -1.13 -17.16 18.06
N GLY B 290 -0.69 -15.93 17.83
CA GLY B 290 0.66 -15.52 18.18
C GLY B 290 1.76 -16.27 17.45
N LYS B 291 1.61 -16.45 16.14
CA LYS B 291 2.67 -17.04 15.36
C LYS B 291 3.20 -16.04 14.32
N PRO B 292 4.54 -16.03 14.12
CA PRO B 292 5.16 -15.01 13.28
C PRO B 292 4.61 -15.06 11.87
N VAL B 293 4.38 -13.89 11.27
CA VAL B 293 3.93 -13.83 9.89
C VAL B 293 4.74 -12.84 9.06
N ILE B 294 5.14 -13.29 7.87
CA ILE B 294 5.96 -12.49 6.95
C ILE B 294 5.14 -12.07 5.74
N CYS B 295 5.20 -10.79 5.39
CA CYS B 295 4.65 -10.33 4.15
C CYS B 295 5.75 -10.20 3.09
N ALA B 296 5.53 -10.77 1.91
CA ALA B 296 6.61 -10.89 0.93
C ALA B 296 6.19 -10.41 -0.44
N THR B 297 7.15 -9.90 -1.20
CA THR B 297 7.17 -9.94 -2.67
C THR B 297 6.75 -8.61 -3.30
N GLN B 298 7.70 -7.99 -4.00
CA GLN B 298 7.49 -6.72 -4.72
C GLN B 298 7.15 -5.53 -3.80
N MET B 299 7.51 -5.63 -2.54
CA MET B 299 7.18 -4.55 -1.60
C MET B 299 7.84 -3.22 -1.94
N LEU B 300 9.11 -3.25 -2.38
CA LEU B 300 9.82 -2.04 -2.81
C LEU B 300 10.43 -2.25 -4.21
N GLU B 301 9.68 -2.94 -5.06
CA GLU B 301 10.20 -3.53 -6.30
C GLU B 301 11.02 -2.55 -7.16
N SER B 302 10.49 -1.34 -7.40
CA SER B 302 11.17 -0.40 -8.29
C SER B 302 12.57 -0.01 -7.80
N MET B 303 12.84 -0.20 -6.51
CA MET B 303 14.17 0.15 -5.99
C MET B 303 15.19 -0.91 -6.37
N THR B 304 14.76 -1.96 -7.09
CA THR B 304 15.74 -2.81 -7.77
C THR B 304 16.61 -1.99 -8.76
N SER B 305 15.99 -0.99 -9.42
CA SER B 305 16.67 -0.13 -10.42
C SER B 305 16.78 1.33 -10.00
N ASN B 306 15.84 1.80 -9.18
CA ASN B 306 15.75 3.24 -8.89
C ASN B 306 16.21 3.51 -7.46
N PRO B 307 16.76 4.71 -7.22
CA PRO B 307 17.25 5.03 -5.88
C PRO B 307 16.12 5.35 -4.90
N ARG B 308 14.90 5.52 -5.43
CA ARG B 308 13.72 5.80 -4.59
CA ARG B 308 13.74 5.72 -4.56
C ARG B 308 12.54 4.91 -5.01
N PRO B 309 11.66 4.56 -4.06
CA PRO B 309 10.50 3.70 -4.31
C PRO B 309 9.31 4.50 -4.85
N THR B 310 8.30 3.82 -5.38
CA THR B 310 7.06 4.53 -5.75
C THR B 310 6.20 4.86 -4.51
N ARG B 311 5.20 5.71 -4.69
CA ARG B 311 4.24 5.98 -3.62
C ARG B 311 3.47 4.71 -3.21
N ALA B 312 3.12 3.86 -4.16
CA ALA B 312 2.45 2.58 -3.85
C ALA B 312 3.32 1.65 -3.01
N GLU B 313 4.62 1.65 -3.27
CA GLU B 313 5.52 0.71 -2.58
C GLU B 313 5.71 1.09 -1.11
N VAL B 314 5.78 2.39 -0.86
CA VAL B 314 5.89 2.92 0.48
C VAL B 314 4.62 2.58 1.27
N SER B 315 3.45 2.86 0.68
CA SER B 315 2.22 2.53 1.34
C SER B 315 2.05 1.01 1.57
N ASP B 316 2.59 0.20 0.67
CA ASP B 316 2.50 -1.26 0.80
C ASP B 316 3.25 -1.74 2.06
N VAL B 317 4.48 -1.25 2.24
CA VAL B 317 5.28 -1.57 3.42
C VAL B 317 4.57 -1.07 4.70
N ALA B 318 4.11 0.17 4.68
CA ALA B 318 3.47 0.71 5.86
C ALA B 318 2.23 -0.12 6.23
N ASN B 319 1.45 -0.50 5.22
CA ASN B 319 0.19 -1.16 5.50
C ASN B 319 0.33 -2.63 5.91
N ALA B 320 1.42 -3.26 5.49
CA ALA B 320 1.74 -4.63 5.97
C ALA B 320 2.02 -4.56 7.46
N VAL B 321 2.69 -3.49 7.88
CA VAL B 321 2.94 -3.26 9.30
C VAL B 321 1.63 -2.96 10.07
N LEU B 322 0.85 -2.00 9.55
CA LEU B 322 -0.48 -1.73 10.13
C LEU B 322 -1.39 -2.97 10.14
N ASN B 323 -1.29 -3.82 9.10
CA ASN B 323 -2.09 -5.09 9.04
C ASN B 323 -1.76 -6.03 10.22
N GLY B 324 -0.53 -5.95 10.73
CA GLY B 324 -0.11 -6.82 11.85
C GLY B 324 1.14 -7.67 11.59
N ALA B 325 1.77 -7.52 10.42
CA ALA B 325 2.83 -8.46 10.04
C ALA B 325 4.06 -8.27 10.96
N ASP B 326 4.66 -9.36 11.42
CA ASP B 326 5.91 -9.25 12.17
C ASP B 326 7.02 -8.72 11.27
N CYS B 327 7.10 -9.27 10.05
CA CYS B 327 8.21 -9.04 9.15
C CYS B 327 7.73 -8.59 7.80
N VAL B 328 8.63 -7.93 7.07
CA VAL B 328 8.41 -7.62 5.68
C VAL B 328 9.65 -8.07 4.97
N MET B 329 9.52 -8.41 3.70
CA MET B 329 10.56 -9.14 3.02
C MET B 329 10.99 -8.45 1.71
N LEU B 330 12.25 -8.64 1.36
CA LEU B 330 12.76 -8.18 0.08
C LEU B 330 13.33 -9.36 -0.67
N SER B 331 13.08 -9.38 -1.97
CA SER B 331 13.60 -10.43 -2.82
C SER B 331 14.65 -9.87 -3.75
N GLY B 332 14.27 -9.64 -5.01
CA GLY B 332 15.20 -9.11 -6.01
C GLY B 332 15.80 -7.77 -5.62
N GLU B 333 15.05 -7.00 -4.83
CA GLU B 333 15.54 -5.72 -4.34
C GLU B 333 16.94 -5.85 -3.71
N THR B 334 17.15 -6.90 -2.92
CA THR B 334 18.46 -7.10 -2.30
C THR B 334 19.30 -8.20 -2.96
N ALA B 335 18.65 -9.22 -3.55
CA ALA B 335 19.41 -10.31 -4.17
C ALA B 335 20.22 -9.78 -5.37
N LYS B 336 19.61 -8.93 -6.17
CA LYS B 336 20.21 -8.55 -7.43
C LYS B 336 20.07 -7.07 -7.75
N GLY B 337 19.49 -6.29 -6.84
CA GLY B 337 19.23 -4.86 -7.12
C GLY B 337 20.47 -3.97 -7.05
N LYS B 338 20.34 -2.74 -7.52
CA LYS B 338 21.47 -1.81 -7.53
C LYS B 338 21.58 -1.01 -6.23
N TYR B 339 20.56 -1.08 -5.38
CA TYR B 339 20.54 -0.24 -4.19
C TYR B 339 20.16 -1.03 -2.95
N PRO B 340 20.90 -2.12 -2.69
CA PRO B 340 20.50 -3.04 -1.61
C PRO B 340 20.46 -2.37 -0.25
N ASN B 341 21.49 -1.60 0.07
CA ASN B 341 21.52 -0.95 1.36
C ASN B 341 20.43 0.09 1.51
N GLU B 342 20.24 0.89 0.46
CA GLU B 342 19.26 1.96 0.50
C GLU B 342 17.82 1.41 0.59
N VAL B 343 17.55 0.31 -0.10
CA VAL B 343 16.20 -0.24 -0.06
C VAL B 343 15.89 -0.82 1.34
N VAL B 344 16.87 -1.45 1.98
CA VAL B 344 16.67 -1.85 3.37
C VAL B 344 16.45 -0.68 4.30
N GLN B 345 17.19 0.41 4.06
CA GLN B 345 17.07 1.62 4.86
C GLN B 345 15.71 2.31 4.75
N TYR B 346 15.18 2.44 3.52
CA TYR B 346 13.80 2.88 3.30
C TYR B 346 12.82 2.00 4.06
N MET B 347 12.94 0.69 3.88
CA MET B 347 12.02 -0.23 4.48
C MET B 347 11.99 -0.04 5.99
N ALA B 348 13.17 0.11 6.58
CA ALA B 348 13.29 0.34 8.01
C ALA B 348 12.57 1.63 8.43
N ARG B 349 12.79 2.72 7.68
CA ARG B 349 12.16 4.00 8.03
C ARG B 349 10.66 3.92 7.90
N ILE B 350 10.17 3.21 6.90
CA ILE B 350 8.73 3.09 6.68
C ILE B 350 8.09 2.27 7.80
N CYS B 351 8.73 1.16 8.17
CA CYS B 351 8.32 0.38 9.34
C CYS B 351 8.12 1.24 10.60
N VAL B 352 9.14 2.03 10.96
CA VAL B 352 9.12 2.86 12.15
C VAL B 352 7.98 3.88 12.10
N GLU B 353 7.73 4.45 10.93
CA GLU B 353 6.61 5.38 10.75
C GLU B 353 5.24 4.69 10.99
N ALA B 354 5.02 3.53 10.37
CA ALA B 354 3.76 2.80 10.56
C ALA B 354 3.61 2.39 12.03
N GLN B 355 4.74 1.99 12.62
CA GLN B 355 4.78 1.64 14.03
C GLN B 355 4.36 2.81 14.92
N SER B 356 4.85 4.00 14.61
CA SER B 356 4.46 5.19 15.37
C SER B 356 3.02 5.63 15.09
N ALA B 357 2.50 5.28 13.91
CA ALA B 357 1.11 5.60 13.56
C ALA B 357 0.12 4.62 14.20
N THR B 358 0.63 3.54 14.78
CA THR B 358 -0.24 2.48 15.25
C THR B 358 -0.92 2.92 16.55
N HIS B 359 -2.23 2.67 16.64
CA HIS B 359 -2.98 3.00 17.85
C HIS B 359 -2.67 2.00 18.91
N ASP B 360 -1.97 2.45 19.96
CA ASP B 360 -1.05 1.57 20.70
C ASP B 360 -1.70 0.32 21.37
N THR B 361 -2.92 0.45 21.91
CA THR B 361 -3.53 -0.64 22.70
C THR B 361 -4.60 -1.42 21.93
N VAL B 362 -4.90 -0.99 20.71
CA VAL B 362 -5.95 -1.63 19.92
C VAL B 362 -5.65 -3.10 19.67
N MET B 363 -4.45 -3.41 19.20
CA MET B 363 -4.09 -4.81 18.94
C MET B 363 -4.14 -5.63 20.22
N PHE B 364 -3.54 -5.11 21.28
CA PHE B 364 -3.59 -5.81 22.57
C PHE B 364 -5.00 -6.25 22.92
N ASN B 365 -5.95 -5.32 22.90
CA ASN B 365 -7.33 -5.66 23.29
C ASN B 365 -8.01 -6.61 22.32
N SER B 366 -7.76 -6.42 21.03
CA SER B 366 -8.45 -7.22 20.01
C SER B 366 -8.02 -8.66 20.10
N ILE B 367 -6.71 -8.85 20.30
CA ILE B 367 -6.12 -10.18 20.41
C ILE B 367 -6.55 -10.83 21.75
N LYS B 368 -6.40 -10.09 22.85
CA LYS B 368 -6.88 -10.58 24.16
C LYS B 368 -8.33 -11.05 24.12
N ASN B 369 -9.20 -10.24 23.51
CA ASN B 369 -10.62 -10.52 23.54
C ASN B 369 -10.98 -11.80 22.78
N LEU B 370 -10.06 -12.30 21.96
CA LEU B 370 -10.37 -13.50 21.21
C LEU B 370 -9.79 -14.76 21.85
N GLN B 371 -9.06 -14.63 22.95
CA GLN B 371 -8.43 -15.80 23.56
C GLN B 371 -9.40 -16.56 24.46
N LYS B 372 -9.38 -17.89 24.37
CA LYS B 372 -10.25 -18.70 25.21
C LYS B 372 -9.88 -18.56 26.69
N ILE B 373 -10.89 -18.44 27.54
CA ILE B 373 -10.74 -18.39 28.99
C ILE B 373 -11.26 -19.70 29.57
N PRO B 374 -10.52 -20.34 30.52
CA PRO B 374 -9.31 -19.90 31.19
C PRO B 374 -8.09 -20.08 30.33
N MET B 375 -7.17 -19.12 30.40
CA MET B 375 -5.84 -19.25 29.82
C MET B 375 -5.01 -20.21 30.66
N CYS B 376 -3.94 -20.73 30.07
CA CYS B 376 -2.82 -21.24 30.87
C CYS B 376 -2.08 -20.08 31.59
N PRO B 377 -1.42 -20.38 32.71
CA PRO B 377 -0.88 -19.33 33.58
C PRO B 377 0.15 -18.45 32.88
N GLU B 378 0.98 -19.04 32.02
CA GLU B 378 2.02 -18.27 31.36
C GLU B 378 1.41 -17.26 30.37
N GLU B 379 0.29 -17.60 29.76
CA GLU B 379 -0.38 -16.64 28.88
C GLU B 379 -1.05 -15.51 29.67
N ALA B 380 -1.56 -15.83 30.86
CA ALA B 380 -2.15 -14.79 31.71
C ALA B 380 -1.02 -13.87 32.21
N VAL B 381 0.14 -14.47 32.51
CA VAL B 381 1.30 -13.69 32.92
C VAL B 381 1.78 -12.79 31.80
N CYS B 382 1.98 -13.36 30.62
CA CYS B 382 2.54 -12.59 29.53
C CYS B 382 1.61 -11.46 29.07
N SER B 383 0.31 -11.74 28.97
CA SER B 383 -0.65 -10.71 28.55
C SER B 383 -0.80 -9.62 29.61
N SER B 384 -0.95 -10.02 30.87
CA SER B 384 -1.05 -9.05 31.94
C SER B 384 0.25 -8.25 32.15
N ALA B 385 1.40 -8.81 31.73
CA ALA B 385 2.66 -8.09 31.79
C ALA B 385 2.67 -6.99 30.73
N VAL B 386 2.15 -7.29 29.54
CA VAL B 386 1.98 -6.25 28.52
C VAL B 386 1.03 -5.13 28.96
N ALA B 387 -0.10 -5.52 29.57
CA ALA B 387 -1.03 -4.54 30.14
C ALA B 387 -0.34 -3.61 31.18
N SER B 388 0.46 -4.19 32.06
CA SER B 388 1.32 -3.40 32.99
C SER B 388 2.24 -2.44 32.29
N ALA B 389 2.91 -2.91 31.25
CA ALA B 389 3.77 -2.07 30.46
C ALA B 389 3.02 -0.88 29.94
N PHE B 390 1.85 -1.09 29.36
CA PHE B 390 1.04 0.06 28.92
C PHE B 390 0.75 1.00 30.09
N GLU B 391 0.41 0.41 31.25
CA GLU B 391 -0.08 1.18 32.39
C GLU B 391 0.99 2.09 32.95
N VAL B 392 2.24 1.64 32.93
CA VAL B 392 3.31 2.49 33.47
C VAL B 392 4.12 3.16 32.36
N GLN B 393 3.71 2.97 31.11
CA GLN B 393 4.47 3.52 29.98
C GLN B 393 5.90 3.00 30.01
N ALA B 394 6.05 1.71 30.17
CA ALA B 394 7.36 1.09 30.29
C ALA B 394 8.09 1.27 28.98
N LYS B 395 9.37 1.61 29.07
CA LYS B 395 10.22 1.76 27.88
C LYS B 395 10.79 0.44 27.39
N ALA B 396 10.71 -0.59 28.22
CA ALA B 396 11.13 -1.93 27.80
C ALA B 396 10.44 -2.96 28.65
N MET B 397 10.30 -4.15 28.09
CA MET B 397 10.05 -5.34 28.87
C MET B 397 11.27 -6.26 28.80
N LEU B 398 11.39 -7.15 29.77
CA LEU B 398 12.51 -8.09 29.85
C LEU B 398 11.96 -9.47 30.15
N VAL B 399 12.23 -10.44 29.29
CA VAL B 399 11.73 -11.78 29.53
C VAL B 399 12.88 -12.78 29.42
N LEU B 400 12.94 -13.75 30.34
CA LEU B 400 13.77 -14.94 30.12
C LEU B 400 13.07 -15.98 29.28
N SER B 401 13.71 -16.40 28.21
CA SER B 401 13.16 -17.49 27.39
C SER B 401 14.24 -18.34 26.85
N ASN B 402 14.06 -19.67 26.94
CA ASN B 402 15.05 -20.59 26.44
C ASN B 402 14.74 -21.13 25.04
N THR B 403 13.47 -21.50 24.81
CA THR B 403 13.01 -21.92 23.49
C THR B 403 12.56 -20.73 22.65
N GLY B 404 12.28 -19.59 23.29
CA GLY B 404 11.66 -18.48 22.58
C GLY B 404 10.17 -18.37 22.83
N ARG B 405 9.56 -19.43 23.33
CA ARG B 405 8.10 -19.45 23.50
C ARG B 405 7.57 -18.22 24.27
N SER B 406 8.22 -17.87 25.38
CA SER B 406 7.71 -16.80 26.24
C SER B 406 7.88 -15.44 25.57
N ALA B 407 8.97 -15.26 24.80
CA ALA B 407 9.16 -14.01 24.06
C ALA B 407 8.08 -13.85 22.99
N ARG B 408 7.75 -14.95 22.32
CA ARG B 408 6.70 -14.92 21.30
C ARG B 408 5.32 -14.66 21.93
N LEU B 409 5.13 -15.15 23.17
CA LEU B 409 3.85 -15.00 23.87
C LEU B 409 3.64 -13.56 24.30
N ILE B 410 4.72 -12.89 24.71
CA ILE B 410 4.63 -11.48 25.02
C ILE B 410 4.36 -10.69 23.73
N SER B 411 5.10 -11.04 22.66
CA SER B 411 4.99 -10.31 21.40
C SER B 411 3.58 -10.45 20.79
N LYS B 412 2.96 -11.58 21.04
CA LYS B 412 1.57 -11.80 20.62
C LYS B 412 0.65 -10.67 21.07
N TYR B 413 0.92 -10.10 22.24
CA TYR B 413 0.04 -9.05 22.79
C TYR B 413 0.49 -7.64 22.40
N ARG B 414 1.46 -7.56 21.49
CA ARG B 414 1.76 -6.29 20.78
C ARG B 414 1.99 -5.13 21.73
N PRO B 415 3.00 -5.24 22.61
CA PRO B 415 3.42 -4.07 23.38
C PRO B 415 3.96 -2.98 22.47
N ASN B 416 4.05 -1.74 22.97
CA ASN B 416 4.58 -0.65 22.16
C ASN B 416 6.08 -0.36 22.43
N CYS B 417 6.72 -1.21 23.23
CA CYS B 417 8.14 -1.03 23.58
C CYS B 417 8.90 -2.31 23.22
N PRO B 418 10.23 -2.27 23.29
CA PRO B 418 11.03 -3.41 22.93
C PRO B 418 10.86 -4.53 23.94
N ILE B 419 10.95 -5.77 23.47
CA ILE B 419 10.96 -6.93 24.36
C ILE B 419 12.37 -7.49 24.38
N ILE B 420 13.11 -7.19 25.45
CA ILE B 420 14.44 -7.77 25.64
C ILE B 420 14.36 -9.22 26.12
N CYS B 421 14.86 -10.13 25.30
CA CYS B 421 14.80 -11.54 25.65
C CYS B 421 16.21 -12.01 26.00
N VAL B 422 16.41 -12.39 27.26
CA VAL B 422 17.62 -13.07 27.65
C VAL B 422 17.42 -14.58 27.49
N THR B 423 18.22 -15.17 26.60
CA THR B 423 18.07 -16.58 26.24
C THR B 423 19.39 -17.34 26.40
N THR B 424 19.25 -18.63 26.70
CA THR B 424 20.39 -19.51 26.88
C THR B 424 20.78 -20.23 25.57
N ARG B 425 20.12 -19.90 24.48
CA ARG B 425 20.42 -20.56 23.19
C ARG B 425 20.67 -19.55 22.08
N LEU B 426 21.79 -19.72 21.38
CA LEU B 426 22.05 -18.86 20.21
C LEU B 426 20.98 -19.02 19.13
N GLN B 427 20.50 -20.24 18.94
CA GLN B 427 19.52 -20.46 17.92
C GLN B 427 18.24 -19.71 18.26
N THR B 428 17.95 -19.60 19.55
CA THR B 428 16.78 -18.85 19.95
C THR B 428 16.95 -17.39 19.58
N CYS B 429 18.12 -16.81 19.89
CA CYS B 429 18.46 -15.45 19.40
C CYS B 429 18.15 -15.32 17.90
N ARG B 430 18.65 -16.26 17.10
CA ARG B 430 18.46 -16.17 15.65
C ARG B 430 17.00 -16.36 15.20
N GLN B 431 16.27 -17.27 15.84
CA GLN B 431 14.89 -17.53 15.44
C GLN B 431 13.93 -16.42 15.85
N LEU B 432 14.25 -15.71 16.93
CA LEU B 432 13.34 -14.67 17.39
C LEU B 432 13.42 -13.41 16.51
N ASN B 433 14.35 -13.38 15.54
CA ASN B 433 14.37 -12.31 14.50
C ASN B 433 13.11 -12.20 13.67
N VAL B 434 12.30 -13.26 13.59
CA VAL B 434 11.03 -13.13 12.87
C VAL B 434 9.86 -12.68 13.77
N THR B 435 10.17 -12.26 14.99
CA THR B 435 9.13 -11.91 15.95
C THR B 435 9.15 -10.42 16.33
N ARG B 436 8.01 -9.76 16.15
CA ARG B 436 7.94 -8.31 16.34
C ARG B 436 8.48 -7.90 17.73
N SER B 437 9.27 -6.82 17.79
CA SER B 437 9.68 -6.15 19.07
C SER B 437 10.87 -6.79 19.80
N VAL B 438 11.11 -8.07 19.54
CA VAL B 438 12.12 -8.78 20.33
C VAL B 438 13.57 -8.40 19.99
N VAL B 439 14.37 -8.20 21.03
CA VAL B 439 15.81 -8.04 20.90
C VAL B 439 16.46 -9.06 21.84
N SER B 440 17.30 -9.95 21.30
CA SER B 440 17.81 -11.10 22.06
C SER B 440 19.22 -10.86 22.64
N VAL B 441 19.45 -11.33 23.86
CA VAL B 441 20.77 -11.28 24.48
C VAL B 441 21.14 -12.71 24.90
N PHE B 442 22.34 -13.14 24.55
CA PHE B 442 22.75 -14.52 24.82
C PHE B 442 23.37 -14.65 26.21
N TYR B 443 22.82 -15.54 27.03
CA TYR B 443 23.44 -15.89 28.32
C TYR B 443 23.99 -17.30 28.22
N ASP B 444 25.30 -17.43 28.36
CA ASP B 444 25.96 -18.72 28.14
C ASP B 444 25.99 -19.46 29.47
N ALA B 445 24.98 -20.28 29.74
CA ALA B 445 24.86 -20.93 31.05
C ALA B 445 26.06 -21.84 31.38
N ALA B 446 26.65 -22.45 30.35
CA ALA B 446 27.75 -23.40 30.57
C ALA B 446 28.93 -22.64 31.11
N LYS B 447 29.10 -21.42 30.63
CA LYS B 447 30.19 -20.57 31.03
C LYS B 447 29.91 -19.80 32.32
N SER B 448 28.66 -19.36 32.51
CA SER B 448 28.37 -18.41 33.61
C SER B 448 27.62 -19.02 34.78
N GLY B 449 27.16 -20.26 34.61
CA GLY B 449 26.46 -20.93 35.70
C GLY B 449 24.96 -21.02 35.47
N GLU B 450 24.31 -21.80 36.33
CA GLU B 450 22.92 -22.19 36.12
C GLU B 450 21.92 -21.04 36.27
N ASP B 451 22.23 -20.06 37.12
CA ASP B 451 21.33 -18.90 37.30
C ASP B 451 19.89 -19.29 37.73
N LYS B 452 19.81 -20.15 38.73
CA LYS B 452 18.51 -20.61 39.19
C LYS B 452 17.64 -19.48 39.75
N ASP B 453 18.23 -18.48 40.38
CA ASP B 453 17.44 -17.40 40.94
C ASP B 453 17.25 -16.24 39.94
N LYS B 454 17.67 -16.45 38.68
CA LYS B 454 17.39 -15.54 37.55
C LYS B 454 18.23 -14.26 37.59
N GLU B 455 19.02 -14.09 38.63
CA GLU B 455 19.61 -12.79 38.90
C GLU B 455 20.72 -12.40 37.90
N LYS B 456 21.50 -13.36 37.46
CA LYS B 456 22.48 -13.07 36.41
C LYS B 456 21.82 -12.66 35.09
N ARG B 457 20.80 -13.42 34.66
CA ARG B 457 20.15 -13.08 33.39
C ARG B 457 19.40 -11.77 33.43
N VAL B 458 18.83 -11.43 34.58
CA VAL B 458 18.09 -10.17 34.70
C VAL B 458 19.07 -9.02 34.68
N LYS B 459 20.20 -9.17 35.37
CA LYS B 459 21.22 -8.15 35.31
C LYS B 459 21.75 -7.90 33.88
N LEU B 460 22.13 -8.97 33.21
CA LEU B 460 22.47 -8.93 31.79
C LEU B 460 21.43 -8.18 30.98
N GLY B 461 20.16 -8.46 31.24
CA GLY B 461 19.07 -7.80 30.47
C GLY B 461 18.93 -6.32 30.79
N LEU B 462 19.03 -5.98 32.07
CA LEU B 462 18.93 -4.58 32.50
C LEU B 462 20.16 -3.75 32.07
N ASP B 463 21.35 -4.35 32.13
CA ASP B 463 22.56 -3.69 31.61
C ASP B 463 22.45 -3.48 30.10
N PHE B 464 21.92 -4.46 29.40
CA PHE B 464 21.69 -4.30 27.97
C PHE B 464 20.70 -3.17 27.69
N ALA B 465 19.63 -3.10 28.47
CA ALA B 465 18.62 -2.05 28.32
C ALA B 465 19.25 -0.66 28.46
N LYS B 466 20.13 -0.52 29.43
CA LYS B 466 20.84 0.73 29.67
C LYS B 466 21.86 1.02 28.55
N LYS B 467 22.70 0.04 28.23
CA LYS B 467 23.77 0.25 27.27
C LYS B 467 23.22 0.62 25.90
N GLU B 468 22.21 -0.11 25.44
CA GLU B 468 21.63 0.14 24.13
C GLU B 468 20.59 1.24 24.14
N LYS B 469 20.49 2.00 25.23
CA LYS B 469 19.63 3.19 25.29
C LYS B 469 18.15 2.89 25.06
N TYR B 470 17.69 1.76 25.59
CA TYR B 470 16.26 1.56 25.78
C TYR B 470 15.71 2.31 26.99
N ALA B 471 16.45 2.31 28.10
CA ALA B 471 15.95 2.98 29.30
C ALA B 471 17.12 3.46 30.17
N SER B 472 16.84 4.32 31.15
CA SER B 472 17.89 4.76 32.08
C SER B 472 17.54 4.52 33.53
N THR B 473 18.53 4.71 34.40
CA THR B 473 18.32 4.74 35.84
C THR B 473 16.99 5.42 36.22
N GLY B 474 16.18 4.72 37.00
CA GLY B 474 14.93 5.29 37.46
C GLY B 474 13.75 4.93 36.58
N ASP B 475 14.01 4.36 35.40
CA ASP B 475 12.89 3.96 34.51
C ASP B 475 12.34 2.62 34.99
N VAL B 476 11.03 2.46 34.94
CA VAL B 476 10.42 1.16 35.29
C VAL B 476 10.44 0.20 34.10
N VAL B 477 10.83 -1.05 34.35
CA VAL B 477 10.92 -2.11 33.33
C VAL B 477 10.03 -3.28 33.80
N VAL B 478 9.30 -3.90 32.88
CA VAL B 478 8.43 -5.04 33.23
C VAL B 478 9.18 -6.34 32.95
N VAL B 479 9.42 -7.12 34.00
CA VAL B 479 10.36 -8.26 33.93
C VAL B 479 9.60 -9.55 34.15
N VAL B 480 9.69 -10.47 33.19
CA VAL B 480 8.85 -11.68 33.22
C VAL B 480 9.76 -12.91 33.29
N HIS B 481 9.55 -13.75 34.29
CA HIS B 481 10.18 -15.09 34.33
C HIS B 481 9.54 -15.92 35.41
N ALA B 482 10.21 -16.99 35.85
CA ALA B 482 9.62 -17.83 36.92
C ALA B 482 10.11 -17.34 38.25
N ASP B 483 9.36 -17.66 39.31
CA ASP B 483 9.88 -17.56 40.66
C ASP B 483 10.96 -18.64 40.90
N HIS B 484 11.39 -18.81 42.15
CA HIS B 484 12.49 -19.73 42.44
C HIS B 484 12.15 -21.19 42.33
N SER B 485 10.86 -21.53 42.20
CA SER B 485 10.49 -22.96 42.16
C SER B 485 10.03 -23.44 40.80
N VAL B 486 9.19 -22.66 40.15
CA VAL B 486 8.45 -23.16 38.99
C VAL B 486 9.38 -23.42 37.79
N LYS B 487 9.23 -24.58 37.15
CA LYS B 487 10.04 -24.91 35.97
C LYS B 487 9.17 -25.12 34.75
N GLY B 488 9.64 -24.59 33.63
CA GLY B 488 9.01 -24.87 32.34
C GLY B 488 8.28 -23.70 31.71
N TYR B 489 8.06 -22.64 32.47
CA TYR B 489 7.29 -21.48 31.95
C TYR B 489 7.40 -20.33 32.94
N PRO B 490 7.09 -19.10 32.50
CA PRO B 490 7.17 -18.00 33.47
C PRO B 490 5.85 -17.89 34.24
N ASN B 491 5.91 -17.81 35.57
CA ASN B 491 4.70 -17.66 36.40
C ASN B 491 4.68 -16.33 37.16
N GLN B 492 5.62 -15.44 36.84
CA GLN B 492 5.90 -14.25 37.64
C GLN B 492 6.17 -13.00 36.77
N THR B 493 5.68 -11.86 37.22
CA THR B 493 6.00 -10.58 36.62
C THR B 493 6.43 -9.64 37.72
N ARG B 494 7.50 -8.88 37.47
CA ARG B 494 7.90 -7.83 38.36
C ARG B 494 7.96 -6.47 37.63
N LEU B 495 7.72 -5.40 38.38
CA LEU B 495 8.11 -4.09 37.90
C LEU B 495 9.31 -3.59 38.68
N ILE B 496 10.32 -3.17 37.94
CA ILE B 496 11.62 -2.90 38.51
C ILE B 496 12.15 -1.56 37.98
N TYR B 497 12.66 -0.73 38.88
CA TYR B 497 13.36 0.51 38.48
C TYR B 497 14.81 0.16 38.10
N LEU B 498 15.25 0.61 36.92
CA LEU B 498 16.63 0.43 36.52
C LEU B 498 17.55 1.06 37.58
N PRO B 499 18.53 0.28 38.09
CA PRO B 499 19.43 0.80 39.15
C PRO B 499 20.43 1.81 38.59
#